data_7G6W
#
_entry.id   7G6W
#
_cell.length_a   83.963
_cell.length_b   91.824
_cell.length_c   119.643
_cell.angle_alpha   90.000
_cell.angle_beta   90.000
_cell.angle_gamma   90.000
#
_symmetry.space_group_name_H-M   'P 21 21 21'
#
loop_
_entity.id
_entity.type
_entity.pdbx_description
1 polymer 'Isoform 2 of Ectonucleotide pyrophosphatase/phosphodiesterase family member 2'
2 branched alpha-D-mannopyranose-(1-2)-alpha-D-mannopyranose-(1-3)-alpha-D-mannopyranose-(1-6)-[alpha-D-mannopyranose-(1-2)-alpha-D-mannopyranose-(1-3)]beta-D-mannopyranose-(1-4)-2-acetamido-2-deoxy-beta-D-glucopyranose-(1-4)-2-acetamido-2-deoxy-beta-D-glucopyranose
3 non-polymer N-[(3,4-dichlorophenyl)methyl]-2-[4-oxo-6-(4-{[(3S)-oxolan-3-yl]methyl}piperazin-1-yl)quinazolin-3(4H)-yl]acetamide
4 non-polymer '2-(N-MORPHOLINO)-ETHANESULFONIC ACID'
5 non-polymer 'ACETATE ION'
6 non-polymer 'CALCIUM ION'
7 non-polymer 'CHLORIDE ION'
8 non-polymer 'ZINC ION'
9 non-polymer 'SODIUM ION'
10 water water
#
_entity_poly.entity_id   1
_entity_poly.type   'polypeptide(L)'
_entity_poly.pdbx_seq_one_letter_code
;FTASRIKRAEWDEGPPTVLSDSPWTATSGSCKGRCFELQEVGPPDCRCDNLCKSYSSCCHDFDELCLKTARGWECTKDRC
GEVRNEENACHCSEDCLSRGDCCTNYQVVCKGESHWVDDDCEEIKVPECPAGFVRPPLIIFSVDGFRASYMKKGSKVMPN
IEKLRSCGTHAPYMRPVYPTKTFPNLYTLATGLYPESHGIVGNSMYDPVFDASFHLRGREKFNHRWWGGQPLWITATKQG
VRAGTFFWSVSIPHERRILTILQWLSLPDNERPSVYAFYSEQPDFSGHKYGPFGPEMTNPLREIDKTVGQLMDGLKQLRL
HRCVNVIFVGDHGMEDVTCDRTEFLSNYLTNVDDITLVPGTLGRIRAKSINNSKYDPKTIIAALTCKKPDQHFKPYMKQH
LPKRLHYANNRRIEDIHLLVDRRWHVARKPLDVYKKPSGKCFFQGDHGFDNKVNSMQTVFVGYGPTFKYRTKVPPFENIE
LYNVMCDLLGLKPAPNNGTHGSLNHLLRTNTFRPTMPDEVSRPNYPGIMYLQSEFDLGCTCDDKVEPKNKLEELNKRLHT
KGSTKERHLLYGRPAVLYRTSYDILYHTDFESGYSEIFLMPLWTSYTISKQAEVSSIPEHLTNCVRPDVRVSPGFSQNCL
AYKNDKQMSYGFLFPPYLSSSPEAKYDAFLVTNMVPMYPAFKRVWAYFQRVLVKKYASERNGVNVISGPIFDYNYDGLRD
TEDEIKQYVEGSSIPVPTHYYSIITSCLDFTQPADKCDGPLSVSSFILPHRPDNDESCNSSEDESKWVEELMKMHTARVR
DIEHLTGLDFYRKTSRSYSEILTLKTYLHTYESEIGGRHHHHHHHH
;
_entity_poly.pdbx_strand_id   A
#
loop_
_chem_comp.id
_chem_comp.type
_chem_comp.name
_chem_comp.formula
ACT non-polymer 'ACETATE ION' 'C2 H3 O2 -1'
BMA D-saccharide, beta linking beta-D-mannopyranose 'C6 H12 O6'
CA non-polymer 'CALCIUM ION' 'Ca 2'
CL non-polymer 'CHLORIDE ION' 'Cl -1'
MAN D-saccharide, alpha linking alpha-D-mannopyranose 'C6 H12 O6'
MES non-polymer '2-(N-MORPHOLINO)-ETHANESULFONIC ACID' 'C6 H13 N O4 S'
NA non-polymer 'SODIUM ION' 'Na 1'
NAG D-saccharide, beta linking 2-acetamido-2-deoxy-beta-D-glucopyranose 'C8 H15 N O6'
XJQ non-polymer N-[(3,4-dichlorophenyl)methyl]-2-[4-oxo-6-(4-{[(3S)-oxolan-3-yl]methyl}piperazin-1-yl)quinazolin-3(4H)-yl]acetamide 'C26 H29 Cl2 N5 O3'
ZN non-polymer 'ZINC ION' 'Zn 2'
#
# COMPACT_ATOMS: atom_id res chain seq x y z
N TRP A 24 -25.69 20.74 23.73
CA TRP A 24 -27.15 20.58 24.09
C TRP A 24 -27.98 20.05 22.92
N THR A 25 -28.90 19.14 23.23
CA THR A 25 -29.94 18.67 22.28
C THR A 25 -31.35 18.81 22.87
N ALA A 26 -32.24 19.39 22.07
CA ALA A 26 -33.65 19.52 22.43
C ALA A 26 -34.37 18.24 21.98
N THR A 27 -34.11 17.14 22.69
CA THR A 27 -34.56 15.78 22.26
C THR A 27 -36.10 15.55 22.22
N SER A 28 -36.87 16.60 22.50
CA SER A 28 -38.35 16.59 22.47
C SER A 28 -39.00 16.79 21.06
N GLY A 29 -38.20 16.98 20.00
CA GLY A 29 -38.67 16.77 18.62
C GLY A 29 -39.00 15.29 18.39
N SER A 30 -39.45 14.92 17.18
CA SER A 30 -39.91 13.55 16.91
C SER A 30 -39.36 12.93 15.61
N CYS A 31 -39.13 11.62 15.64
CA CYS A 31 -38.63 10.88 14.45
C CYS A 31 -39.75 10.35 13.55
N LYS A 32 -41.00 10.62 13.93
CA LYS A 32 -42.16 10.22 13.14
C LYS A 32 -41.91 10.62 11.67
N GLY A 33 -42.04 9.64 10.76
CA GLY A 33 -41.68 9.83 9.34
C GLY A 33 -40.23 10.20 9.00
N ARG A 34 -39.30 10.12 9.94
CA ARG A 34 -37.90 10.54 9.71
C ARG A 34 -36.85 9.44 10.01
N CYS A 35 -37.29 8.21 10.24
CA CYS A 35 -36.37 7.16 10.73
C CYS A 35 -35.27 6.94 9.69
N PHE A 36 -34.00 6.99 10.11
CA PHE A 36 -32.84 6.85 9.22
C PHE A 36 -32.87 7.83 8.04
N GLU A 37 -33.28 9.05 8.35
CA GLU A 37 -33.15 10.15 7.42
C GLU A 37 -31.69 10.27 6.96
N LEU A 38 -31.52 10.65 5.71
CA LEU A 38 -30.16 10.75 5.17
C LEU A 38 -29.50 12.08 5.45
N GLN A 39 -30.21 13.20 5.36
CA GLN A 39 -29.61 14.48 5.75
C GLN A 39 -29.61 14.56 7.28
N GLU A 40 -28.46 14.86 7.87
CA GLU A 40 -28.42 15.05 9.32
C GLU A 40 -28.83 16.49 9.65
N VAL A 41 -29.64 16.65 10.70
CA VAL A 41 -30.08 17.98 11.10
C VAL A 41 -29.17 18.60 12.16
N GLY A 42 -29.14 19.94 12.16
CA GLY A 42 -28.23 20.72 12.97
C GLY A 42 -28.72 20.95 14.38
N PRO A 43 -27.80 20.89 15.36
CA PRO A 43 -28.06 21.25 16.75
C PRO A 43 -28.86 22.56 16.91
N PRO A 44 -29.64 22.69 17.99
CA PRO A 44 -29.87 21.64 18.97
C PRO A 44 -31.08 20.74 18.63
N ASP A 45 -31.51 20.75 17.37
CA ASP A 45 -32.64 19.91 16.92
C ASP A 45 -32.25 18.43 16.97
N CYS A 46 -33.17 17.58 17.39
CA CYS A 46 -32.86 16.18 17.60
C CYS A 46 -32.78 15.43 16.27
N ARG A 47 -32.05 14.33 16.29
CA ARG A 47 -31.62 13.67 15.07
C ARG A 47 -32.27 12.30 14.99
N CYS A 48 -32.46 11.81 13.75
CA CYS A 48 -33.08 10.50 13.50
C CYS A 48 -32.24 9.68 12.50
N ASP A 49 -31.03 10.16 12.19
CA ASP A 49 -30.10 9.50 11.22
C ASP A 49 -29.32 8.34 11.88
N ASN A 50 -28.65 7.50 11.05
CA ASN A 50 -27.92 6.35 11.59
C ASN A 50 -26.75 6.62 12.55
N LEU A 51 -26.39 7.88 12.76
CA LEU A 51 -25.37 8.26 13.73
C LEU A 51 -25.89 8.96 15.02
N CYS A 52 -27.18 9.28 15.10
CA CYS A 52 -27.67 10.02 16.28
C CYS A 52 -27.27 9.35 17.63
N LYS A 53 -27.26 8.02 17.68
CA LYS A 53 -26.89 7.28 18.91
C LYS A 53 -25.47 7.60 19.37
N SER A 54 -24.55 7.72 18.42
CA SER A 54 -23.14 8.03 18.72
C SER A 54 -22.96 9.39 19.38
N TYR A 55 -23.80 10.33 18.96
CA TYR A 55 -23.77 11.70 19.47
C TYR A 55 -24.66 11.90 20.70
N SER A 56 -25.36 10.85 21.15
CA SER A 56 -26.44 10.96 22.17
C SER A 56 -27.46 12.06 21.82
N SER A 57 -27.86 12.14 20.57
CA SER A 57 -28.70 13.24 20.09
C SER A 57 -29.99 12.77 19.42
N CYS A 58 -30.33 11.49 19.54
CA CYS A 58 -31.56 11.01 18.91
C CYS A 58 -32.80 11.63 19.58
N CYS A 59 -33.86 11.84 18.79
CA CYS A 59 -35.14 12.26 19.40
C CYS A 59 -35.64 11.20 20.38
N HIS A 60 -36.52 11.66 21.27
CA HIS A 60 -37.02 10.86 22.37
C HIS A 60 -37.64 9.55 21.92
N ASP A 61 -38.26 9.54 20.73
CA ASP A 61 -38.99 8.36 20.20
C ASP A 61 -38.20 7.54 19.16
N PHE A 62 -36.90 7.78 19.08
CA PHE A 62 -36.06 7.05 18.11
C PHE A 62 -36.09 5.54 18.31
N ASP A 63 -35.89 5.03 19.55
CA ASP A 63 -35.97 3.56 19.74
C ASP A 63 -37.34 2.99 19.38
N GLU A 64 -38.40 3.67 19.82
CA GLU A 64 -39.80 3.18 19.58
C GLU A 64 -40.10 3.11 18.06
N LEU A 65 -39.77 4.19 17.36
CA LEU A 65 -40.15 4.32 15.95
C LEU A 65 -39.17 3.65 15.02
N CYS A 66 -37.87 3.88 15.25
CA CYS A 66 -36.83 3.48 14.29
C CYS A 66 -36.15 2.17 14.58
N LEU A 67 -36.13 1.75 15.85
CA LEU A 67 -35.45 0.50 16.22
C LEU A 67 -36.45 -0.58 16.68
N LYS A 68 -37.52 -0.76 15.93
CA LYS A 68 -38.51 -1.81 16.21
C LYS A 68 -37.88 -3.18 16.18
N THR A 69 -38.31 -4.04 17.08
CA THR A 69 -37.77 -5.39 17.15
C THR A 69 -38.87 -6.43 17.25
N ALA A 70 -40.14 -5.99 17.41
CA ALA A 70 -41.22 -6.95 17.65
C ALA A 70 -41.30 -8.05 16.61
N ARG A 71 -41.36 -9.27 17.13
CA ARG A 71 -41.53 -10.49 16.35
C ARG A 71 -40.27 -10.86 15.55
N GLY A 72 -39.17 -10.14 15.81
CA GLY A 72 -37.86 -10.48 15.23
C GLY A 72 -37.70 -10.19 13.73
N TRP A 73 -36.80 -10.94 13.08
CA TRP A 73 -36.30 -10.57 11.76
C TRP A 73 -36.74 -11.44 10.58
N GLU A 74 -37.54 -12.47 10.86
CA GLU A 74 -37.88 -13.47 9.85
C GLU A 74 -39.40 -13.70 9.76
N CYS A 75 -39.92 -13.87 8.55
CA CYS A 75 -41.29 -14.32 8.38
C CYS A 75 -41.36 -15.81 8.75
N THR A 76 -42.54 -16.26 9.16
CA THR A 76 -42.85 -17.68 9.35
C THR A 76 -44.19 -17.90 8.69
N LYS A 77 -44.53 -19.17 8.49
CA LYS A 77 -45.75 -19.55 7.78
C LYS A 77 -47.00 -18.82 8.26
N ASP A 78 -47.22 -18.78 9.57
CA ASP A 78 -48.42 -18.14 10.16
C ASP A 78 -48.52 -16.62 9.97
N ARG A 79 -47.39 -15.96 9.69
CA ARG A 79 -47.39 -14.53 9.44
C ARG A 79 -47.75 -14.17 8.00
N CYS A 80 -47.68 -15.14 7.10
CA CYS A 80 -47.88 -14.84 5.68
C CYS A 80 -49.25 -14.26 5.46
N GLY A 81 -49.31 -13.16 4.70
CA GLY A 81 -50.55 -12.43 4.45
C GLY A 81 -51.22 -11.80 5.66
N GLU A 82 -50.53 -11.76 6.81
CA GLU A 82 -50.99 -11.07 8.04
C GLU A 82 -51.51 -9.65 7.76
N VAL A 83 -52.34 -9.14 8.67
CA VAL A 83 -52.78 -7.75 8.63
C VAL A 83 -51.59 -6.90 9.10
N ARG A 84 -51.20 -5.88 8.33
CA ARG A 84 -50.06 -5.02 8.71
C ARG A 84 -50.15 -4.53 10.16
N ASN A 85 -49.08 -4.76 10.92
CA ASN A 85 -48.93 -4.25 12.27
C ASN A 85 -47.69 -3.37 12.35
N GLU A 86 -47.88 -2.06 12.49
CA GLU A 86 -46.76 -1.11 12.41
C GLU A 86 -45.69 -1.30 13.49
N GLU A 87 -46.02 -2.01 14.58
CA GLU A 87 -45.07 -2.37 15.67
C GLU A 87 -43.96 -3.37 15.27
N ASN A 88 -44.19 -4.15 14.22
CA ASN A 88 -43.27 -5.26 13.90
C ASN A 88 -41.95 -4.75 13.34
N ALA A 89 -40.86 -5.47 13.58
CA ALA A 89 -39.52 -5.12 13.03
C ALA A 89 -39.52 -5.08 11.53
N CYS A 90 -40.20 -6.06 10.94
CA CYS A 90 -40.36 -6.13 9.49
C CYS A 90 -41.68 -6.88 9.20
N HIS A 91 -42.11 -6.90 7.95
CA HIS A 91 -43.50 -7.26 7.64
C HIS A 91 -43.65 -8.42 6.72
N CYS A 92 -44.78 -9.13 6.85
CA CYS A 92 -45.08 -10.28 6.00
C CYS A 92 -46.48 -10.13 5.41
N SER A 93 -47.05 -8.95 5.59
CA SER A 93 -48.34 -8.60 5.00
C SER A 93 -48.20 -8.41 3.49
N GLU A 94 -49.28 -8.61 2.76
CA GLU A 94 -49.28 -8.53 1.28
C GLU A 94 -48.73 -7.22 0.75
N ASP A 95 -48.90 -6.14 1.51
CA ASP A 95 -48.47 -4.83 1.04
C ASP A 95 -46.97 -4.57 1.25
N CYS A 96 -46.24 -5.52 1.84
CA CYS A 96 -44.87 -5.20 2.27
C CYS A 96 -43.92 -4.88 1.11
N LEU A 97 -44.06 -5.56 -0.03
CA LEU A 97 -43.21 -5.25 -1.20
C LEU A 97 -43.40 -3.81 -1.72
N SER A 98 -44.64 -3.35 -1.86
CA SER A 98 -44.90 -1.95 -2.24
C SER A 98 -44.37 -0.97 -1.19
N ARG A 99 -44.44 -1.35 0.09
CA ARG A 99 -43.86 -0.57 1.20
C ARG A 99 -42.31 -0.63 1.29
N GLY A 100 -41.70 -1.66 0.69
CA GLY A 100 -40.23 -1.87 0.74
C GLY A 100 -39.71 -2.33 2.12
N ASP A 101 -40.58 -2.94 2.92
CA ASP A 101 -40.21 -3.26 4.30
C ASP A 101 -40.56 -4.68 4.75
N CYS A 102 -40.59 -5.61 3.79
CA CYS A 102 -40.74 -7.04 4.12
C CYS A 102 -39.49 -7.52 4.87
N CYS A 103 -39.65 -8.55 5.70
CA CYS A 103 -38.52 -9.31 6.21
C CYS A 103 -37.79 -9.87 4.99
N THR A 104 -36.48 -10.00 5.12
CA THR A 104 -35.70 -10.37 3.95
C THR A 104 -36.10 -11.74 3.47
N ASN A 105 -36.65 -12.59 4.32
CA ASN A 105 -37.00 -13.96 3.85
C ASN A 105 -38.47 -14.11 3.42
N TYR A 106 -39.17 -12.98 3.33
CA TYR A 106 -40.60 -12.95 2.94
C TYR A 106 -41.00 -13.81 1.73
N GLN A 107 -40.40 -13.54 0.58
CA GLN A 107 -40.75 -14.26 -0.65
CA GLN A 107 -40.81 -14.27 -0.63
C GLN A 107 -40.45 -15.76 -0.57
N VAL A 108 -39.44 -16.10 0.24
CA VAL A 108 -39.05 -17.49 0.44
C VAL A 108 -40.11 -18.20 1.27
N VAL A 109 -40.45 -17.64 2.43
CA VAL A 109 -41.43 -18.25 3.34
C VAL A 109 -42.84 -18.25 2.73
N CYS A 110 -43.24 -17.11 2.17
CA CYS A 110 -44.62 -16.87 1.83
C CYS A 110 -44.96 -17.04 0.37
N LYS A 111 -44.00 -16.84 -0.51
CA LYS A 111 -44.32 -16.89 -1.93
C LYS A 111 -43.60 -18.03 -2.62
N GLY A 112 -43.18 -19.04 -1.86
CA GLY A 112 -42.50 -20.19 -2.46
C GLY A 112 -41.17 -19.94 -3.18
N GLU A 113 -40.57 -18.75 -3.02
CA GLU A 113 -39.28 -18.45 -3.64
C GLU A 113 -38.05 -19.11 -3.00
N SER A 114 -36.95 -19.19 -3.74
CA SER A 114 -35.67 -19.73 -3.20
C SER A 114 -34.77 -18.62 -2.60
N HIS A 115 -33.97 -18.99 -1.59
CA HIS A 115 -32.90 -18.10 -1.11
C HIS A 115 -31.95 -17.86 -2.25
N TRP A 116 -31.41 -16.63 -2.33
CA TRP A 116 -30.36 -16.33 -3.31
C TRP A 116 -29.23 -17.39 -3.33
N VAL A 117 -28.77 -17.83 -2.15
CA VAL A 117 -27.62 -18.74 -2.10
C VAL A 117 -27.91 -20.10 -2.74
N ASP A 118 -29.19 -20.44 -2.86
CA ASP A 118 -29.57 -21.73 -3.45
C ASP A 118 -29.74 -21.69 -4.96
N ASP A 119 -29.74 -20.51 -5.54
CA ASP A 119 -29.79 -20.37 -6.99
C ASP A 119 -28.41 -20.60 -7.60
N ASP A 120 -28.37 -21.35 -8.71
CA ASP A 120 -27.13 -21.52 -9.47
C ASP A 120 -26.62 -20.16 -9.87
N CYS A 121 -25.32 -19.94 -9.94
CA CYS A 121 -25.01 -18.65 -10.51
C CYS A 121 -25.03 -18.61 -12.01
N GLU A 122 -25.43 -17.46 -12.52
CA GLU A 122 -25.54 -17.23 -13.95
C GLU A 122 -24.84 -15.94 -14.12
N GLU A 123 -23.96 -15.91 -15.12
CA GLU A 123 -23.25 -14.71 -15.47
C GLU A 123 -24.19 -13.51 -15.59
N ILE A 124 -23.76 -12.36 -15.11
CA ILE A 124 -24.54 -11.15 -15.23
C ILE A 124 -23.84 -10.38 -16.33
N LYS A 125 -24.29 -10.54 -17.56
CA LYS A 125 -23.64 -9.96 -18.72
C LYS A 125 -23.98 -8.48 -18.85
N VAL A 126 -25.21 -8.11 -18.48
CA VAL A 126 -25.62 -6.72 -18.47
C VAL A 126 -26.38 -6.41 -17.17
N PRO A 127 -26.40 -5.14 -16.71
CA PRO A 127 -27.25 -4.83 -15.55
C PRO A 127 -28.70 -5.10 -15.88
N GLU A 128 -29.40 -5.75 -14.97
CA GLU A 128 -30.84 -6.01 -15.15
C GLU A 128 -31.52 -5.22 -14.04
N CYS A 129 -31.83 -3.97 -14.33
CA CYS A 129 -32.24 -3.03 -13.28
C CYS A 129 -33.69 -2.58 -13.51
N PRO A 130 -34.48 -2.40 -12.44
CA PRO A 130 -35.85 -1.85 -12.56
C PRO A 130 -35.86 -0.47 -13.19
N ALA A 131 -36.99 -0.07 -13.74
CA ALA A 131 -37.08 1.24 -14.38
C ALA A 131 -36.89 2.33 -13.33
N GLY A 132 -36.21 3.40 -13.75
CA GLY A 132 -35.89 4.51 -12.86
C GLY A 132 -34.50 4.41 -12.27
N PHE A 133 -33.86 3.24 -12.36
CA PHE A 133 -32.47 3.10 -11.97
C PHE A 133 -31.50 3.63 -13.06
N VAL A 134 -30.83 4.77 -12.80
CA VAL A 134 -29.90 5.45 -13.77
C VAL A 134 -28.51 4.78 -13.93
N ARG A 135 -28.13 3.95 -12.94
CA ARG A 135 -26.82 3.30 -12.88
C ARG A 135 -26.96 2.17 -11.84
N PRO A 136 -26.21 1.06 -11.98
CA PRO A 136 -26.19 0.05 -10.91
C PRO A 136 -25.70 0.69 -9.57
N PRO A 137 -26.48 0.53 -8.50
CA PRO A 137 -26.03 1.01 -7.22
C PRO A 137 -24.79 0.19 -6.80
N LEU A 138 -23.98 0.78 -5.91
CA LEU A 138 -22.85 0.11 -5.33
C LEU A 138 -23.13 -0.09 -3.82
N ILE A 139 -22.99 -1.33 -3.36
CA ILE A 139 -23.08 -1.62 -1.91
C ILE A 139 -21.73 -2.16 -1.42
N ILE A 140 -21.18 -1.48 -0.42
CA ILE A 140 -19.91 -1.89 0.15
C ILE A 140 -20.20 -2.59 1.48
N PHE A 141 -19.80 -3.84 1.58
CA PHE A 141 -20.04 -4.62 2.78
C PHE A 141 -18.66 -4.80 3.48
N SER A 142 -18.36 -3.97 4.49
CA SER A 142 -17.08 -3.98 5.19
C SER A 142 -17.11 -4.85 6.42
N VAL A 143 -16.13 -5.76 6.51
CA VAL A 143 -16.03 -6.66 7.66
C VAL A 143 -14.72 -6.42 8.41
N ASP A 144 -14.84 -6.07 9.69
CA ASP A 144 -13.68 -5.75 10.52
C ASP A 144 -12.93 -7.02 10.89
N GLY A 145 -11.61 -7.00 10.74
CA GLY A 145 -10.74 -8.13 11.15
C GLY A 145 -10.92 -9.41 10.34
N PHE A 146 -11.46 -9.29 9.12
CA PHE A 146 -11.71 -10.47 8.32
C PHE A 146 -10.41 -10.90 7.60
N ARG A 147 -9.66 -11.76 8.27
CA ARG A 147 -8.44 -12.32 7.73
C ARG A 147 -8.61 -13.09 6.39
N ALA A 148 -7.69 -12.86 5.44
CA ALA A 148 -7.80 -13.43 4.11
C ALA A 148 -8.01 -14.95 4.13
N SER A 149 -7.33 -15.67 5.04
CA SER A 149 -7.49 -17.12 4.98
C SER A 149 -8.84 -17.60 5.44
N TYR A 150 -9.65 -16.72 6.05
CA TYR A 150 -11.01 -17.15 6.39
C TYR A 150 -11.78 -17.58 5.18
N MET A 151 -11.44 -17.04 4.00
CA MET A 151 -12.24 -17.36 2.80
C MET A 151 -12.19 -18.85 2.51
N LYS A 152 -10.99 -19.44 2.65
CA LYS A 152 -10.83 -20.89 2.40
C LYS A 152 -11.14 -21.71 3.66
N LYS A 153 -10.54 -21.33 4.79
CA LYS A 153 -10.72 -22.06 6.04
C LYS A 153 -12.15 -22.06 6.60
N GLY A 154 -12.90 -20.99 6.36
CA GLY A 154 -14.26 -20.94 6.84
C GLY A 154 -15.32 -21.20 5.77
N SER A 155 -14.92 -21.62 4.57
CA SER A 155 -15.84 -21.69 3.41
C SER A 155 -17.03 -22.60 3.62
N LYS A 156 -16.83 -23.64 4.45
CA LYS A 156 -17.91 -24.59 4.79
C LYS A 156 -19.05 -23.96 5.59
N VAL A 157 -18.76 -22.89 6.30
CA VAL A 157 -19.77 -22.27 7.14
C VAL A 157 -20.23 -20.87 6.64
N MET A 158 -19.76 -20.50 5.44
CA MET A 158 -20.15 -19.24 4.80
C MET A 158 -20.62 -19.43 3.35
N PRO A 159 -21.75 -20.15 3.16
CA PRO A 159 -22.18 -20.40 1.78
C PRO A 159 -22.54 -19.15 0.95
N ASN A 160 -23.10 -18.11 1.55
CA ASN A 160 -23.46 -16.90 0.78
C ASN A 160 -22.18 -16.17 0.33
N ILE A 161 -21.20 -16.13 1.23
CA ILE A 161 -19.93 -15.43 0.90
C ILE A 161 -19.17 -16.24 -0.15
N GLU A 162 -19.24 -17.57 -0.01
CA GLU A 162 -18.58 -18.47 -0.93
C GLU A 162 -19.14 -18.34 -2.33
N LYS A 163 -20.45 -18.16 -2.42
CA LYS A 163 -21.12 -17.89 -3.75
C LYS A 163 -20.69 -16.55 -4.31
N LEU A 164 -20.72 -15.51 -3.50
CA LEU A 164 -20.16 -14.22 -3.97
C LEU A 164 -18.77 -14.42 -4.55
N ARG A 165 -17.89 -15.04 -3.74
CA ARG A 165 -16.52 -15.21 -4.10
C ARG A 165 -16.35 -16.04 -5.35
N SER A 166 -17.04 -17.19 -5.45
CA SER A 166 -16.80 -18.09 -6.56
C SER A 166 -17.45 -17.56 -7.88
N CYS A 167 -18.57 -16.87 -7.77
CA CYS A 167 -19.28 -16.42 -8.96
CA CYS A 167 -19.32 -16.39 -8.93
C CYS A 167 -18.80 -15.06 -9.45
N GLY A 168 -18.25 -14.27 -8.54
CA GLY A 168 -17.80 -12.93 -8.87
C GLY A 168 -16.33 -12.86 -9.22
N THR A 169 -15.72 -11.73 -8.86
CA THR A 169 -14.31 -11.51 -9.03
C THR A 169 -13.69 -11.47 -7.64
N HIS A 170 -12.63 -12.21 -7.44
CA HIS A 170 -12.02 -12.20 -6.10
C HIS A 170 -10.48 -12.20 -6.19
N ALA A 171 -9.84 -11.73 -5.13
CA ALA A 171 -8.39 -11.80 -5.02
C ALA A 171 -8.15 -12.84 -3.93
N PRO A 172 -7.02 -13.56 -3.99
CA PRO A 172 -6.69 -14.52 -2.89
C PRO A 172 -6.50 -13.76 -1.59
N TYR A 173 -6.09 -12.48 -1.69
CA TYR A 173 -6.09 -11.58 -0.54
C TYR A 173 -5.85 -10.17 -1.02
N MET A 174 -6.15 -9.25 -0.12
CA MET A 174 -5.95 -7.82 -0.38
C MET A 174 -5.03 -7.27 0.72
N ARG A 175 -4.04 -6.46 0.32
CA ARG A 175 -3.07 -5.92 1.25
C ARG A 175 -3.61 -4.63 1.88
N PRO A 176 -3.65 -4.58 3.22
CA PRO A 176 -4.08 -3.36 3.86
C PRO A 176 -2.91 -2.36 3.90
N VAL A 177 -3.16 -1.15 4.43
CA VAL A 177 -2.12 -0.17 4.64
C VAL A 177 -1.57 -0.32 6.08
N TYR A 178 -0.40 0.24 6.31
CA TYR A 178 0.18 0.29 7.64
C TYR A 178 -0.23 1.57 8.35
N PRO A 179 -0.56 1.52 9.68
CA PRO A 179 -0.65 0.35 10.51
C PRO A 179 -1.95 -0.39 10.21
N THR A 180 -1.92 -1.71 10.37
CA THR A 180 -3.08 -2.52 10.00
C THR A 180 -4.10 -2.47 11.16
N LYS A 181 -4.56 -1.24 11.45
CA LYS A 181 -5.59 -0.92 12.43
C LYS A 181 -6.86 -0.52 11.64
N THR A 182 -8.00 -0.45 12.35
CA THR A 182 -9.31 -0.24 11.73
C THR A 182 -9.50 1.09 11.07
N PHE A 183 -9.38 2.14 11.87
CA PHE A 183 -9.65 3.48 11.36
C PHE A 183 -8.76 3.89 10.18
N PRO A 184 -7.42 3.68 10.29
CA PRO A 184 -6.51 3.96 9.13
C PRO A 184 -6.96 3.22 7.90
N ASN A 185 -7.33 1.94 8.03
CA ASN A 185 -7.69 1.17 6.87
C ASN A 185 -9.08 1.49 6.29
N LEU A 186 -10.09 1.70 7.16
CA LEU A 186 -11.42 2.05 6.59
C LEU A 186 -11.37 3.40 5.93
N TYR A 187 -10.63 4.33 6.49
CA TYR A 187 -10.60 5.64 5.87
C TYR A 187 -9.71 5.62 4.59
N THR A 188 -8.70 4.77 4.56
CA THR A 188 -7.96 4.49 3.27
C THR A 188 -8.89 3.90 2.23
N LEU A 189 -9.76 2.96 2.63
CA LEU A 189 -10.71 2.42 1.66
CA LEU A 189 -10.74 2.41 1.67
C LEU A 189 -11.58 3.53 1.07
N ALA A 190 -12.01 4.45 1.91
CA ALA A 190 -12.89 5.55 1.50
C ALA A 190 -12.23 6.63 0.68
N THR A 191 -10.93 6.81 0.80
CA THR A 191 -10.25 7.97 0.20
C THR A 191 -9.21 7.65 -0.88
N GLY A 192 -8.73 6.41 -0.93
CA GLY A 192 -7.63 6.02 -1.81
C GLY A 192 -6.27 6.58 -1.33
N LEU A 193 -6.20 7.05 -0.09
CA LEU A 193 -4.99 7.75 0.37
C LEU A 193 -4.26 6.92 1.41
N TYR A 194 -2.93 7.03 1.44
CA TYR A 194 -2.15 6.55 2.63
C TYR A 194 -2.61 7.28 3.92
N PRO A 195 -2.58 6.58 5.08
CA PRO A 195 -2.80 7.26 6.35
C PRO A 195 -1.97 8.54 6.56
N GLU A 196 -0.74 8.59 6.07
CA GLU A 196 0.05 9.82 6.30
C GLU A 196 -0.58 11.00 5.58
N SER A 197 -1.34 10.73 4.52
CA SER A 197 -1.97 11.81 3.76
C SER A 197 -3.40 12.10 4.22
N HIS A 198 -4.21 11.08 4.49
CA HIS A 198 -5.54 11.35 5.01
C HIS A 198 -5.59 11.76 6.49
N GLY A 199 -4.54 11.44 7.24
CA GLY A 199 -4.37 11.98 8.58
C GLY A 199 -4.79 11.04 9.69
N ILE A 200 -5.49 9.95 9.36
CA ILE A 200 -5.89 9.01 10.38
C ILE A 200 -4.76 7.95 10.48
N VAL A 201 -3.71 8.24 11.26
CA VAL A 201 -2.43 7.50 11.20
C VAL A 201 -2.40 6.44 12.28
N GLY A 202 -3.41 6.45 13.12
CA GLY A 202 -3.69 5.35 14.04
C GLY A 202 -5.13 5.41 14.59
N ASN A 203 -5.46 4.42 15.40
CA ASN A 203 -6.70 4.47 16.21
C ASN A 203 -6.62 5.53 17.31
N SER A 204 -5.41 5.82 17.80
CA SER A 204 -5.15 6.90 18.78
C SER A 204 -4.10 7.85 18.23
N MET A 205 -4.29 9.16 18.42
CA MET A 205 -3.35 10.12 17.88
C MET A 205 -3.27 11.38 18.72
N TYR A 206 -2.11 12.03 18.68
CA TYR A 206 -1.94 13.35 19.28
C TYR A 206 -1.52 14.25 18.16
N ASP A 207 -2.21 15.38 17.99
CA ASP A 207 -1.82 16.38 16.99
C ASP A 207 -1.24 17.61 17.73
N PRO A 208 0.07 17.83 17.58
CA PRO A 208 0.78 18.88 18.33
C PRO A 208 0.38 20.30 17.92
N VAL A 209 -0.06 20.50 16.68
CA VAL A 209 -0.55 21.81 16.23
C VAL A 209 -1.90 22.13 16.86
N PHE A 210 -2.81 21.16 16.80
CA PHE A 210 -4.12 21.30 17.43
C PHE A 210 -3.94 21.28 18.93
N ASP A 211 -2.83 20.69 19.40
CA ASP A 211 -2.73 20.23 20.78
C ASP A 211 -4.03 19.49 21.17
N ALA A 212 -4.35 18.43 20.45
CA ALA A 212 -5.59 17.67 20.75
C ALA A 212 -5.35 16.20 20.52
N SER A 213 -6.13 15.34 21.17
CA SER A 213 -5.99 13.90 21.02
C SER A 213 -7.24 13.28 20.38
N PHE A 214 -6.99 12.26 19.56
CA PHE A 214 -8.03 11.48 18.84
C PHE A 214 -8.03 10.11 19.48
N HIS A 215 -9.23 9.58 19.73
CA HIS A 215 -9.41 8.23 20.29
C HIS A 215 -10.61 7.54 19.62
N LEU A 216 -10.59 6.22 19.59
CA LEU A 216 -11.73 5.40 19.16
C LEU A 216 -12.97 5.72 19.99
N ARG A 217 -12.79 5.77 21.30
CA ARG A 217 -13.83 6.18 22.25
C ARG A 217 -13.89 7.70 22.34
N GLY A 218 -15.09 8.25 22.27
CA GLY A 218 -15.23 9.66 22.54
C GLY A 218 -15.63 10.47 21.33
N ARG A 219 -15.60 11.77 21.51
CA ARG A 219 -16.25 12.69 20.63
C ARG A 219 -15.27 13.51 19.80
N GLU A 220 -14.00 13.56 20.23
CA GLU A 220 -12.99 14.34 19.49
C GLU A 220 -12.90 13.87 18.01
N LYS A 221 -12.94 12.55 17.82
CA LYS A 221 -13.00 11.95 16.47
C LYS A 221 -14.16 12.46 15.58
N PHE A 222 -15.20 13.08 16.16
CA PHE A 222 -16.33 13.61 15.37
C PHE A 222 -15.91 14.91 14.69
N ASN A 223 -14.84 15.55 15.18
CA ASN A 223 -14.41 16.82 14.62
C ASN A 223 -13.80 16.59 13.22
N HIS A 224 -14.32 17.29 12.22
CA HIS A 224 -13.84 17.17 10.83
C HIS A 224 -12.34 17.46 10.59
N ARG A 225 -11.70 18.25 11.44
CA ARG A 225 -10.27 18.59 11.26
C ARG A 225 -9.27 17.39 11.27
N TRP A 226 -9.65 16.26 11.85
CA TRP A 226 -8.81 15.06 11.80
C TRP A 226 -8.76 14.39 10.43
N TRP A 227 -9.85 14.52 9.68
CA TRP A 227 -10.14 13.67 8.57
C TRP A 227 -9.84 14.40 7.27
N GLY A 228 -8.73 14.06 6.61
CA GLY A 228 -8.31 14.79 5.40
C GLY A 228 -8.71 14.02 4.15
N GLY A 229 -8.21 14.46 3.01
CA GLY A 229 -8.64 13.88 1.73
C GLY A 229 -10.13 14.06 1.47
N GLN A 230 -10.67 13.27 0.55
CA GLN A 230 -12.04 13.39 0.15
C GLN A 230 -12.66 12.02 0.06
N PRO A 231 -13.48 11.64 1.05
CA PRO A 231 -14.00 10.28 1.00
C PRO A 231 -15.06 10.10 -0.06
N LEU A 232 -15.29 8.86 -0.43
CA LEU A 232 -16.14 8.53 -1.56
C LEU A 232 -17.54 9.17 -1.48
N TRP A 233 -18.14 9.23 -0.28
CA TRP A 233 -19.48 9.84 -0.15
C TRP A 233 -19.48 11.34 -0.48
N ILE A 234 -18.38 12.03 -0.22
CA ILE A 234 -18.23 13.46 -0.57
C ILE A 234 -17.95 13.61 -2.05
N THR A 235 -17.10 12.72 -2.58
CA THR A 235 -16.82 12.72 -4.01
C THR A 235 -18.14 12.53 -4.79
N ALA A 236 -18.97 11.57 -4.35
CA ALA A 236 -20.23 11.31 -5.00
C ALA A 236 -21.14 12.55 -4.97
N THR A 237 -21.33 13.09 -3.76
CA THR A 237 -22.23 14.22 -3.52
C THR A 237 -21.84 15.40 -4.39
N LYS A 238 -20.58 15.81 -4.33
CA LYS A 238 -20.08 16.91 -5.20
C LYS A 238 -20.38 16.71 -6.68
N GLN A 239 -20.47 15.46 -7.12
CA GLN A 239 -20.69 15.20 -8.51
C GLN A 239 -22.12 14.79 -8.80
N GLY A 240 -23.00 15.02 -7.84
CA GLY A 240 -24.42 14.81 -8.07
C GLY A 240 -24.85 13.36 -7.99
N VAL A 241 -24.06 12.53 -7.31
CA VAL A 241 -24.49 11.15 -7.00
C VAL A 241 -24.80 11.09 -5.49
N ARG A 242 -26.02 10.74 -5.11
CA ARG A 242 -26.44 10.70 -3.70
C ARG A 242 -25.78 9.55 -2.90
N ALA A 243 -25.39 9.87 -1.68
CA ALA A 243 -24.60 8.99 -0.81
C ALA A 243 -24.48 9.65 0.55
N GLY A 244 -24.93 8.97 1.60
CA GLY A 244 -24.55 9.37 2.99
C GLY A 244 -23.19 8.79 3.44
N THR A 245 -22.74 9.11 4.67
CA THR A 245 -21.49 8.56 5.20
C THR A 245 -21.58 7.02 5.39
N PHE A 246 -20.43 6.40 5.55
CA PHE A 246 -20.36 4.96 5.67
C PHE A 246 -20.32 4.49 7.14
N PHE A 247 -20.46 5.43 8.07
CA PHE A 247 -20.37 5.15 9.51
C PHE A 247 -21.70 4.53 10.03
N TRP A 248 -21.66 3.69 11.09
CA TRP A 248 -22.87 3.20 11.75
C TRP A 248 -22.68 3.25 13.28
N SER A 249 -23.70 3.70 14.02
CA SER A 249 -23.66 3.60 15.49
C SER A 249 -23.68 2.15 15.89
N VAL A 250 -22.78 1.80 16.81
CA VAL A 250 -22.50 0.40 17.15
C VAL A 250 -23.78 -0.30 17.63
N SER A 251 -24.70 0.43 18.24
CA SER A 251 -25.81 -0.24 18.93
C SER A 251 -26.97 -0.56 17.99
N ILE A 252 -26.89 -0.12 16.74
CA ILE A 252 -27.93 -0.50 15.76
C ILE A 252 -27.64 -1.92 15.28
N PRO A 253 -28.58 -2.89 15.51
CA PRO A 253 -28.21 -4.25 15.17
C PRO A 253 -28.02 -4.43 13.67
N HIS A 254 -27.26 -5.44 13.28
CA HIS A 254 -26.98 -5.68 11.85
C HIS A 254 -28.24 -5.90 11.01
N GLU A 255 -29.22 -6.59 11.58
CA GLU A 255 -30.45 -6.86 10.85
C GLU A 255 -31.14 -5.54 10.48
N ARG A 256 -31.03 -4.55 11.36
CA ARG A 256 -31.68 -3.26 11.16
C ARG A 256 -30.87 -2.42 10.16
N ARG A 257 -29.55 -2.53 10.20
CA ARG A 257 -28.71 -1.91 9.13
C ARG A 257 -29.12 -2.39 7.75
N ILE A 258 -29.27 -3.72 7.58
CA ILE A 258 -29.63 -4.29 6.28
C ILE A 258 -31.02 -3.80 5.86
N LEU A 259 -31.97 -3.85 6.80
CA LEU A 259 -33.32 -3.42 6.48
C LEU A 259 -33.34 -1.94 6.10
N THR A 260 -32.50 -1.16 6.76
CA THR A 260 -32.42 0.29 6.43
C THR A 260 -31.90 0.51 4.99
N ILE A 261 -30.84 -0.21 4.64
CA ILE A 261 -30.30 -0.15 3.25
C ILE A 261 -31.37 -0.56 2.26
N LEU A 262 -32.08 -1.64 2.55
CA LEU A 262 -33.14 -2.10 1.63
C LEU A 262 -34.28 -1.10 1.52
N GLN A 263 -34.67 -0.46 2.62
CA GLN A 263 -35.64 0.62 2.57
C GLN A 263 -35.17 1.81 1.75
N TRP A 264 -33.91 2.26 1.94
CA TRP A 264 -33.36 3.37 1.15
C TRP A 264 -33.38 3.05 -0.35
N LEU A 265 -33.11 1.81 -0.69
CA LEU A 265 -33.16 1.38 -2.09
C LEU A 265 -34.57 1.41 -2.68
N SER A 266 -35.60 1.48 -1.82
CA SER A 266 -37.00 1.62 -2.28
C SER A 266 -37.44 3.08 -2.38
N LEU A 267 -36.57 4.03 -2.07
CA LEU A 267 -36.96 5.42 -2.19
C LEU A 267 -37.25 5.76 -3.67
N PRO A 268 -38.00 6.85 -3.92
CA PRO A 268 -38.15 7.34 -5.29
C PRO A 268 -36.82 7.75 -5.89
N ASP A 269 -36.73 7.70 -7.22
CA ASP A 269 -35.49 7.87 -7.95
C ASP A 269 -34.72 9.12 -7.57
N ASN A 270 -35.43 10.24 -7.42
CA ASN A 270 -34.79 11.52 -7.10
C ASN A 270 -34.23 11.57 -5.68
N GLU A 271 -34.65 10.65 -4.81
CA GLU A 271 -34.25 10.65 -3.39
C GLU A 271 -33.30 9.51 -3.04
N ARG A 272 -33.14 8.56 -3.94
CA ARG A 272 -32.49 7.30 -3.60
C ARG A 272 -30.97 7.40 -3.71
N PRO A 273 -30.20 6.95 -2.68
CA PRO A 273 -28.76 6.99 -2.90
C PRO A 273 -28.30 5.98 -3.95
N SER A 274 -27.14 6.27 -4.54
CA SER A 274 -26.50 5.32 -5.45
C SER A 274 -25.38 4.53 -4.77
N VAL A 275 -24.97 4.91 -3.58
CA VAL A 275 -23.93 4.14 -2.89
C VAL A 275 -24.35 3.97 -1.45
N TYR A 276 -24.03 2.80 -0.91
CA TYR A 276 -24.47 2.33 0.40
C TYR A 276 -23.30 1.59 1.01
N ALA A 277 -23.23 1.64 2.33
CA ALA A 277 -22.19 0.91 3.05
C ALA A 277 -22.76 0.19 4.25
N PHE A 278 -22.44 -1.10 4.37
CA PHE A 278 -22.74 -1.84 5.59
C PHE A 278 -21.43 -2.08 6.31
N TYR A 279 -21.41 -1.98 7.64
CA TYR A 279 -20.19 -2.26 8.40
C TYR A 279 -20.52 -3.29 9.44
N SER A 280 -19.62 -4.26 9.56
CA SER A 280 -19.67 -5.26 10.64
C SER A 280 -18.43 -5.17 11.57
N GLU A 281 -18.69 -5.08 12.88
CA GLU A 281 -17.66 -5.12 13.89
C GLU A 281 -17.04 -6.50 14.05
N GLN A 282 -17.74 -7.51 13.55
CA GLN A 282 -17.27 -8.89 13.54
C GLN A 282 -16.61 -9.20 12.20
N PRO A 283 -15.65 -10.15 12.16
CA PRO A 283 -15.21 -11.03 13.25
C PRO A 283 -14.11 -10.46 14.16
N ASP A 284 -13.68 -9.21 13.93
CA ASP A 284 -12.66 -8.57 14.77
C ASP A 284 -12.93 -8.68 16.27
N PHE A 285 -14.17 -8.34 16.65
CA PHE A 285 -14.55 -8.31 18.08
C PHE A 285 -14.21 -9.67 18.75
N SER A 286 -14.73 -10.75 18.20
CA SER A 286 -14.41 -12.07 18.71
C SER A 286 -12.94 -12.47 18.51
N GLY A 287 -12.34 -12.13 17.36
CA GLY A 287 -10.91 -12.43 17.10
C GLY A 287 -9.94 -11.92 18.18
N HIS A 288 -10.18 -10.72 18.69
CA HIS A 288 -9.40 -10.21 19.80
C HIS A 288 -9.49 -11.12 21.02
N LYS A 289 -10.69 -11.67 21.27
CA LYS A 289 -10.93 -12.47 22.50
C LYS A 289 -10.40 -13.88 22.34
N TYR A 290 -10.54 -14.44 21.13
CA TYR A 290 -10.34 -15.89 20.95
C TYR A 290 -9.21 -16.24 20.05
N GLY A 291 -8.55 -15.24 19.45
CA GLY A 291 -7.51 -15.54 18.45
C GLY A 291 -8.16 -15.75 17.10
N PRO A 292 -7.37 -15.65 16.02
CA PRO A 292 -7.94 -15.70 14.69
C PRO A 292 -8.63 -17.03 14.39
N PHE A 293 -8.13 -18.14 14.94
CA PHE A 293 -8.74 -19.45 14.65
C PHE A 293 -9.30 -20.19 15.87
N GLY A 294 -9.58 -19.44 16.91
CA GLY A 294 -10.23 -20.01 18.09
C GLY A 294 -11.54 -20.69 17.68
N PRO A 295 -11.86 -21.84 18.31
CA PRO A 295 -13.14 -22.55 18.02
C PRO A 295 -14.38 -21.67 18.14
N GLU A 296 -14.28 -20.62 18.96
CA GLU A 296 -15.36 -19.63 19.12
C GLU A 296 -15.56 -18.75 17.89
N MET A 297 -14.68 -18.89 16.92
CA MET A 297 -14.70 -18.00 15.75
C MET A 297 -15.69 -18.50 14.68
N THR A 298 -16.07 -19.78 14.71
CA THR A 298 -17.03 -20.33 13.77
C THR A 298 -18.35 -19.58 13.77
N ASN A 299 -18.91 -19.34 14.96
CA ASN A 299 -20.19 -18.68 15.06
C ASN A 299 -20.26 -17.25 14.50
N PRO A 300 -19.27 -16.40 14.84
CA PRO A 300 -19.28 -15.09 14.20
C PRO A 300 -19.20 -15.15 12.68
N LEU A 301 -18.49 -16.16 12.14
CA LEU A 301 -18.40 -16.31 10.69
C LEU A 301 -19.72 -16.76 10.08
N ARG A 302 -20.40 -17.71 10.72
CA ARG A 302 -21.75 -18.10 10.34
C ARG A 302 -22.68 -16.86 10.37
N GLU A 303 -22.53 -16.04 11.41
CA GLU A 303 -23.46 -14.91 11.59
C GLU A 303 -23.24 -13.88 10.50
N ILE A 304 -21.97 -13.58 10.17
CA ILE A 304 -21.70 -12.66 9.06
C ILE A 304 -22.27 -13.21 7.75
N ASP A 305 -22.09 -14.50 7.49
CA ASP A 305 -22.68 -15.09 6.30
C ASP A 305 -24.19 -14.95 6.24
N LYS A 306 -24.84 -15.15 7.39
CA LYS A 306 -26.27 -15.00 7.47
C LYS A 306 -26.68 -13.57 7.08
N THR A 307 -25.95 -12.55 7.58
CA THR A 307 -26.20 -11.15 7.24
C THR A 307 -26.07 -10.91 5.71
N VAL A 308 -25.06 -11.52 5.09
CA VAL A 308 -24.89 -11.42 3.62
C VAL A 308 -26.10 -12.06 2.92
N GLY A 309 -26.53 -13.21 3.45
CA GLY A 309 -27.71 -13.93 2.89
C GLY A 309 -28.94 -13.04 2.96
N GLN A 310 -29.12 -12.34 4.09
CA GLN A 310 -30.27 -11.41 4.26
C GLN A 310 -30.27 -10.30 3.20
N LEU A 311 -29.11 -9.69 3.01
CA LEU A 311 -28.98 -8.67 2.02
C LEU A 311 -29.28 -9.19 0.64
N MET A 312 -28.70 -10.34 0.27
CA MET A 312 -28.90 -10.82 -1.07
C MET A 312 -30.36 -11.25 -1.30
N ASP A 313 -30.98 -11.87 -0.29
CA ASP A 313 -32.41 -12.21 -0.38
C ASP A 313 -33.25 -10.94 -0.49
N GLY A 314 -32.87 -9.92 0.26
CA GLY A 314 -33.54 -8.64 0.18
C GLY A 314 -33.40 -8.00 -1.19
N LEU A 315 -32.19 -8.08 -1.77
CA LEU A 315 -32.01 -7.54 -3.14
C LEU A 315 -32.82 -8.34 -4.13
N LYS A 316 -32.81 -9.66 -4.00
CA LYS A 316 -33.60 -10.49 -4.89
C LYS A 316 -35.12 -10.11 -4.87
N GLN A 317 -35.70 -9.91 -3.67
CA GLN A 317 -37.10 -9.39 -3.53
C GLN A 317 -37.31 -8.10 -4.26
N LEU A 318 -36.36 -7.17 -4.17
CA LEU A 318 -36.50 -5.91 -4.85
C LEU A 318 -36.16 -6.04 -6.33
N ARG A 319 -35.88 -7.24 -6.83
CA ARG A 319 -35.39 -7.40 -8.21
C ARG A 319 -34.11 -6.59 -8.50
N LEU A 320 -33.19 -6.56 -7.52
CA LEU A 320 -31.96 -5.82 -7.66
C LEU A 320 -30.71 -6.71 -7.63
N HIS A 321 -30.89 -8.03 -7.50
CA HIS A 321 -29.75 -8.91 -7.28
C HIS A 321 -28.88 -9.07 -8.52
N ARG A 322 -29.37 -8.63 -9.68
CA ARG A 322 -28.59 -8.66 -10.91
C ARG A 322 -28.42 -7.24 -11.48
N CYS A 323 -28.54 -6.26 -10.60
CA CYS A 323 -28.42 -4.84 -10.89
C CYS A 323 -27.31 -4.20 -10.02
N VAL A 324 -27.21 -4.59 -8.74
CA VAL A 324 -26.28 -3.97 -7.80
C VAL A 324 -24.85 -4.55 -7.91
N ASN A 325 -23.85 -3.68 -7.83
CA ASN A 325 -22.49 -4.13 -7.59
C ASN A 325 -22.25 -4.19 -6.08
N VAL A 326 -21.79 -5.34 -5.62
CA VAL A 326 -21.56 -5.57 -4.20
C VAL A 326 -20.06 -5.73 -4.01
N ILE A 327 -19.49 -5.01 -3.05
CA ILE A 327 -18.09 -5.25 -2.71
C ILE A 327 -18.05 -5.80 -1.29
N PHE A 328 -17.43 -6.95 -1.13
CA PHE A 328 -17.22 -7.60 0.19
C PHE A 328 -15.72 -7.43 0.49
N VAL A 329 -15.43 -6.62 1.48
CA VAL A 329 -14.07 -6.17 1.72
C VAL A 329 -13.79 -6.08 3.22
N GLY A 330 -12.57 -6.47 3.61
CA GLY A 330 -12.09 -6.38 4.99
C GLY A 330 -11.14 -5.21 5.22
N ASP A 331 -10.96 -4.81 6.47
CA ASP A 331 -9.97 -3.76 6.74
C ASP A 331 -8.56 -4.29 7.08
N HIS A 332 -8.46 -5.48 7.69
CA HIS A 332 -7.15 -6.06 8.07
C HIS A 332 -7.46 -7.45 8.58
N GLY A 333 -6.40 -8.23 8.83
CA GLY A 333 -6.55 -9.58 9.37
C GLY A 333 -6.47 -9.59 10.90
N MET A 334 -5.93 -10.69 11.43
CA MET A 334 -5.85 -10.88 12.89
C MET A 334 -4.76 -11.93 13.11
N GLU A 335 -3.94 -11.71 14.14
CA GLU A 335 -2.83 -12.62 14.48
C GLU A 335 -3.01 -13.11 15.93
N ASP A 336 -2.42 -14.27 16.25
CA ASP A 336 -2.32 -14.73 17.68
C ASP A 336 -1.36 -13.88 18.45
N VAL A 337 -1.87 -13.22 19.49
CA VAL A 337 -1.06 -12.32 20.32
C VAL A 337 -1.60 -12.51 21.73
N THR A 338 -0.72 -12.75 22.70
CA THR A 338 -1.12 -12.87 24.14
C THR A 338 -0.24 -11.98 25.05
N CYS A 339 -0.78 -11.63 26.23
CA CYS A 339 -0.13 -10.74 27.23
C CYS A 339 1.29 -11.15 27.58
N ASP A 340 1.54 -12.45 27.62
CA ASP A 340 2.88 -12.92 27.89
C ASP A 340 3.89 -12.61 26.78
N ARG A 341 3.42 -12.29 25.57
CA ARG A 341 4.39 -11.89 24.54
C ARG A 341 4.40 -10.40 24.43
N THR A 342 4.88 -9.74 25.48
CA THR A 342 5.00 -8.30 25.55
C THR A 342 6.43 -7.96 25.95
N GLU A 343 7.06 -7.09 25.17
CA GLU A 343 8.34 -6.50 25.52
C GLU A 343 8.06 -5.21 26.27
N PHE A 344 8.86 -4.90 27.31
CA PHE A 344 8.62 -3.71 28.10
C PHE A 344 9.75 -2.71 27.96
N LEU A 345 9.43 -1.47 27.62
CA LEU A 345 10.49 -0.47 27.49
C LEU A 345 11.29 -0.26 28.79
N SER A 346 10.62 -0.46 29.92
CA SER A 346 11.27 -0.38 31.24
C SER A 346 12.40 -1.41 31.39
N ASN A 347 12.41 -2.46 30.56
CA ASN A 347 13.60 -3.35 30.53
C ASN A 347 14.78 -2.84 29.68
N TYR A 348 14.63 -1.68 29.05
CA TYR A 348 15.65 -1.14 28.16
C TYR A 348 16.15 0.23 28.55
N LEU A 349 15.22 1.07 29.02
CA LEU A 349 15.44 2.49 29.21
C LEU A 349 15.56 2.81 30.70
N THR A 350 16.46 3.72 31.04
CA THR A 350 16.56 4.16 32.44
C THR A 350 15.45 5.18 32.68
N ASN A 351 15.34 6.14 31.77
CA ASN A 351 14.40 7.27 31.84
C ASN A 351 12.96 7.00 31.39
N VAL A 352 12.42 5.80 31.65
CA VAL A 352 11.09 5.45 31.09
C VAL A 352 9.94 6.45 31.38
N ASP A 353 10.03 7.17 32.50
CA ASP A 353 8.99 8.17 32.85
C ASP A 353 9.10 9.48 32.10
N ASP A 354 10.15 9.65 31.31
CA ASP A 354 10.28 10.83 30.50
C ASP A 354 9.69 10.63 29.10
N ILE A 355 9.12 9.45 28.85
CA ILE A 355 8.50 9.21 27.53
C ILE A 355 7.02 8.90 27.61
N THR A 356 6.35 9.23 26.51
CA THR A 356 4.98 8.82 26.22
C THR A 356 5.11 7.78 25.13
N LEU A 357 4.52 6.60 25.37
CA LEU A 357 4.46 5.55 24.36
C LEU A 357 3.02 5.28 23.91
N VAL A 358 2.77 5.32 22.59
CA VAL A 358 1.57 4.69 22.02
C VAL A 358 1.89 3.21 21.81
N PRO A 359 1.23 2.30 22.56
CA PRO A 359 1.63 0.89 22.66
C PRO A 359 0.89 -0.14 21.81
N GLY A 360 1.39 -1.37 21.84
CA GLY A 360 0.63 -2.50 21.32
C GLY A 360 1.37 -3.16 20.19
N THR A 361 0.77 -3.19 19.00
CA THR A 361 1.36 -3.97 17.90
C THR A 361 2.24 -3.08 17.05
N LEU A 362 2.35 -1.82 17.47
CA LEU A 362 3.33 -0.88 16.93
C LEU A 362 3.65 0.07 18.07
N GLY A 363 4.83 0.69 18.04
CA GLY A 363 5.16 1.64 19.10
C GLY A 363 5.38 3.00 18.53
N ARG A 364 4.89 4.03 19.21
CA ARG A 364 5.21 5.40 18.82
C ARG A 364 5.65 6.17 20.08
N ILE A 365 6.82 6.80 20.01
CA ILE A 365 7.41 7.42 21.20
C ILE A 365 7.61 8.91 21.00
N ARG A 366 7.19 9.69 21.98
CA ARG A 366 7.57 11.07 22.05
C ARG A 366 7.89 11.47 23.49
N ALA A 367 8.41 12.69 23.67
CA ALA A 367 8.77 13.18 25.00
C ALA A 367 7.49 13.35 25.81
N LYS A 368 7.54 12.97 27.08
CA LYS A 368 6.40 13.20 27.97
C LYS A 368 6.14 14.70 28.16
N SER A 369 7.21 15.49 28.26
CA SER A 369 7.10 16.93 28.46
C SER A 369 7.97 17.70 27.45
N ILE A 370 7.35 18.60 26.67
CA ILE A 370 8.11 19.49 25.74
C ILE A 370 9.03 20.49 26.47
N ASN A 371 8.82 20.61 27.78
CA ASN A 371 9.69 21.42 28.64
C ASN A 371 10.94 20.68 29.08
N ASN A 372 10.97 19.36 28.86
CA ASN A 372 12.16 18.55 29.14
C ASN A 372 13.17 18.62 27.99
N SER A 373 14.25 19.35 28.22
CA SER A 373 15.29 19.62 27.22
C SER A 373 16.47 18.65 27.33
N LYS A 374 16.37 17.71 28.29
CA LYS A 374 17.32 16.61 28.39
C LYS A 374 16.83 15.39 27.61
N TYR A 375 15.67 15.54 26.96
CA TYR A 375 15.11 14.51 26.07
C TYR A 375 15.97 14.41 24.79
N ASP A 376 16.41 13.18 24.50
CA ASP A 376 17.23 12.93 23.30
C ASP A 376 16.80 11.66 22.55
N PRO A 377 16.25 11.84 21.33
CA PRO A 377 15.83 10.70 20.50
C PRO A 377 17.00 9.79 20.19
N LYS A 378 18.18 10.39 19.98
CA LYS A 378 19.37 9.61 19.68
C LYS A 378 19.67 8.61 20.79
N THR A 379 19.61 9.07 22.03
CA THR A 379 19.91 8.15 23.15
C THR A 379 18.81 7.08 23.33
N ILE A 380 17.55 7.42 23.04
CA ILE A 380 16.45 6.44 23.17
C ILE A 380 16.58 5.32 22.13
N ILE A 381 16.84 5.72 20.88
CA ILE A 381 17.03 4.75 19.80
C ILE A 381 18.18 3.82 20.14
N ALA A 382 19.32 4.37 20.56
CA ALA A 382 20.49 3.51 20.84
C ALA A 382 20.17 2.51 21.98
N ALA A 383 19.42 2.97 22.98
CA ALA A 383 19.09 2.09 24.12
C ALA A 383 18.10 0.99 23.73
N LEU A 384 17.47 1.15 22.57
CA LEU A 384 16.47 0.17 22.09
C LEU A 384 16.99 -0.70 20.93
N THR A 385 18.23 -0.45 20.51
CA THR A 385 18.84 -1.13 19.36
C THR A 385 19.66 -2.37 19.70
N CYS A 386 19.17 -3.52 19.23
CA CYS A 386 19.84 -4.81 19.34
C CYS A 386 20.38 -5.11 20.76
N LYS A 387 19.55 -4.90 21.77
CA LYS A 387 19.96 -5.01 23.16
C LYS A 387 19.81 -6.41 23.69
N LYS A 388 18.92 -7.18 23.10
CA LYS A 388 18.65 -8.51 23.61
C LYS A 388 18.65 -9.45 22.42
N PRO A 389 19.18 -10.67 22.61
CA PRO A 389 19.41 -11.59 21.49
C PRO A 389 18.16 -11.87 20.65
N ASP A 390 17.00 -12.02 21.29
CA ASP A 390 15.79 -12.31 20.50
C ASP A 390 14.78 -11.16 20.50
N GLN A 391 15.26 -9.94 20.68
CA GLN A 391 14.43 -8.74 20.81
C GLN A 391 13.26 -8.75 19.80
N HIS A 392 12.00 -8.55 20.23
CA HIS A 392 10.84 -8.69 19.31
C HIS A 392 10.26 -7.40 18.73
N PHE A 393 11.06 -6.33 18.73
CA PHE A 393 10.71 -5.07 18.07
C PHE A 393 12.02 -4.41 17.60
N LYS A 394 11.89 -3.53 16.63
CA LYS A 394 13.07 -2.77 16.14
C LYS A 394 12.71 -1.30 16.10
N PRO A 395 13.59 -0.46 16.66
CA PRO A 395 13.27 0.95 16.65
C PRO A 395 13.78 1.60 15.37
N TYR A 396 13.05 2.62 14.92
CA TYR A 396 13.42 3.40 13.71
C TYR A 396 13.10 4.84 13.98
N MET A 397 13.94 5.77 13.49
CA MET A 397 13.47 7.12 13.22
C MET A 397 12.47 6.92 12.06
N LYS A 398 11.38 7.68 12.07
CA LYS A 398 10.32 7.44 11.06
C LYS A 398 10.80 7.51 9.59
N GLN A 399 11.71 8.42 9.31
CA GLN A 399 12.26 8.54 7.96
C GLN A 399 13.08 7.31 7.51
N HIS A 400 13.50 6.48 8.46
CA HIS A 400 14.22 5.22 8.17
C HIS A 400 13.32 4.00 8.01
N LEU A 401 12.02 4.13 8.31
CA LEU A 401 11.10 3.01 8.08
C LEU A 401 11.13 2.63 6.57
N PRO A 402 10.97 1.32 6.22
CA PRO A 402 10.83 0.93 4.79
C PRO A 402 9.86 1.87 4.03
N LYS A 403 10.23 2.31 2.84
CA LYS A 403 9.47 3.32 2.12
C LYS A 403 8.12 2.77 1.67
N ARG A 404 8.03 1.44 1.55
CA ARG A 404 6.78 0.81 1.18
C ARG A 404 5.65 1.05 2.18
N LEU A 405 5.98 1.34 3.43
CA LEU A 405 4.99 1.64 4.44
C LEU A 405 4.40 3.04 4.29
N HIS A 406 5.09 3.95 3.59
CA HIS A 406 4.61 5.32 3.44
C HIS A 406 4.07 5.90 4.75
N TYR A 407 4.84 5.72 5.82
CA TYR A 407 4.42 6.09 7.14
C TYR A 407 5.38 7.08 7.81
N ALA A 408 5.39 8.33 7.35
CA ALA A 408 6.29 9.31 7.97
C ALA A 408 5.86 10.75 7.82
N ASN A 409 5.30 11.10 6.65
CA ASN A 409 5.00 12.50 6.33
C ASN A 409 3.72 13.05 6.99
N ASN A 410 3.68 13.03 8.31
CA ASN A 410 2.54 13.62 9.00
C ASN A 410 3.01 13.98 10.41
N ARG A 411 2.65 15.18 10.87
CA ARG A 411 3.05 15.66 12.23
C ARG A 411 2.44 14.80 13.32
N ARG A 412 1.42 14.01 13.01
CA ARG A 412 0.82 13.13 14.02
C ARG A 412 1.60 11.80 14.18
N ILE A 413 2.54 11.55 13.30
CA ILE A 413 3.36 10.34 13.39
C ILE A 413 4.64 10.71 14.17
N GLU A 414 4.81 10.09 15.32
CA GLU A 414 5.94 10.42 16.18
C GLU A 414 7.29 10.09 15.49
N ASP A 415 8.32 10.90 15.77
CA ASP A 415 9.64 10.63 15.15
C ASP A 415 10.18 9.22 15.42
N ILE A 416 9.94 8.69 16.61
CA ILE A 416 10.45 7.38 16.97
C ILE A 416 9.31 6.36 16.85
N HIS A 417 9.59 5.31 16.05
CA HIS A 417 8.64 4.26 15.75
C HIS A 417 9.21 2.92 16.11
N LEU A 418 8.39 2.03 16.63
CA LEU A 418 8.87 0.68 16.86
C LEU A 418 8.10 -0.25 15.98
N LEU A 419 8.79 -0.99 15.12
CA LEU A 419 8.17 -2.05 14.37
C LEU A 419 8.20 -3.29 15.18
N VAL A 420 7.01 -3.82 15.50
CA VAL A 420 6.87 -4.93 16.42
C VAL A 420 6.76 -6.23 15.66
N ASP A 421 7.46 -7.28 16.10
CA ASP A 421 7.35 -8.57 15.40
C ASP A 421 5.94 -9.17 15.48
N ARG A 422 5.54 -9.90 14.44
CA ARG A 422 4.20 -10.49 14.48
C ARG A 422 4.11 -11.36 15.75
N ARG A 423 2.94 -11.35 16.39
CA ARG A 423 2.67 -12.17 17.60
CA ARG A 423 2.65 -12.17 17.60
C ARG A 423 3.05 -11.50 18.91
N TRP A 424 3.66 -10.32 18.82
CA TRP A 424 4.17 -9.61 19.98
C TRP A 424 3.51 -8.26 20.19
N HIS A 425 3.58 -7.78 21.45
CA HIS A 425 3.24 -6.42 21.83
C HIS A 425 4.46 -5.71 22.42
N VAL A 426 4.44 -4.40 22.38
CA VAL A 426 5.38 -3.57 23.13
C VAL A 426 4.55 -2.72 24.10
N ALA A 427 5.04 -2.59 25.35
CA ALA A 427 4.36 -1.72 26.33
C ALA A 427 5.44 -0.95 27.10
N ARG A 428 5.03 0.07 27.87
CA ARG A 428 5.99 0.90 28.57
C ARG A 428 6.54 0.18 29.81
N LYS A 429 5.64 -0.34 30.63
CA LYS A 429 5.98 -1.00 31.91
CA LYS A 429 6.02 -1.05 31.85
C LYS A 429 4.97 -2.10 32.16
N PRO A 430 5.38 -3.18 32.89
CA PRO A 430 4.46 -4.31 33.13
C PRO A 430 3.08 -3.96 33.68
N LEU A 431 3.00 -2.91 34.50
CA LEU A 431 1.73 -2.54 35.13
C LEU A 431 0.69 -2.05 34.12
N ASP A 432 1.16 -1.55 32.98
CA ASP A 432 0.26 -1.19 31.85
C ASP A 432 -0.56 -2.38 31.32
N VAL A 433 0.02 -3.56 31.37
CA VAL A 433 -0.59 -4.76 30.80
C VAL A 433 -1.55 -5.48 31.76
N TYR A 434 -1.34 -5.43 33.08
CA TYR A 434 -2.30 -6.07 34.01
C TYR A 434 -3.23 -5.10 34.77
N LYS A 435 -2.95 -3.81 34.68
CA LYS A 435 -3.86 -2.75 35.14
C LYS A 435 -4.35 -1.95 33.90
N LYS A 436 -5.07 -2.63 33.01
CA LYS A 436 -5.48 -2.08 31.69
C LYS A 436 -6.58 -1.01 31.75
N CYS A 441 -4.85 -12.67 31.70
CA CYS A 441 -4.77 -12.19 30.33
C CYS A 441 -6.12 -12.31 29.62
N PHE A 442 -6.61 -11.20 29.09
CA PHE A 442 -7.88 -11.22 28.36
C PHE A 442 -7.67 -11.82 26.96
N PHE A 443 -6.97 -11.04 26.14
CA PHE A 443 -7.01 -11.15 24.68
C PHE A 443 -6.11 -12.25 24.13
N GLN A 444 -6.49 -12.77 22.97
CA GLN A 444 -5.72 -13.80 22.31
C GLN A 444 -5.42 -13.43 20.86
N GLY A 445 -5.96 -12.30 20.41
CA GLY A 445 -5.72 -11.84 19.00
C GLY A 445 -5.46 -10.34 18.97
N ASP A 446 -4.66 -9.89 17.99
CA ASP A 446 -4.54 -8.45 17.74
C ASP A 446 -4.02 -8.25 16.29
N HIS A 447 -3.90 -7.01 15.87
CA HIS A 447 -3.46 -6.71 14.51
C HIS A 447 -2.86 -5.31 14.62
N GLY A 448 -2.24 -4.83 13.54
CA GLY A 448 -1.52 -3.55 13.58
C GLY A 448 -0.15 -3.66 12.95
N PHE A 449 0.35 -4.89 12.79
CA PHE A 449 1.71 -5.17 12.36
C PHE A 449 1.94 -4.71 10.91
N ASP A 450 3.21 -4.68 10.52
CA ASP A 450 3.69 -4.54 9.10
C ASP A 450 2.66 -5.11 8.10
N ASN A 451 2.23 -4.30 7.14
CA ASN A 451 1.14 -4.75 6.25
C ASN A 451 1.48 -5.82 5.21
N LYS A 452 2.73 -6.26 5.22
CA LYS A 452 3.09 -7.41 4.42
C LYS A 452 2.99 -8.75 5.14
N VAL A 453 2.80 -8.72 6.46
CA VAL A 453 2.64 -9.95 7.26
C VAL A 453 1.38 -10.72 6.84
N ASN A 454 1.53 -12.02 6.64
CA ASN A 454 0.44 -12.85 6.10
C ASN A 454 -0.85 -12.79 6.91
N SER A 455 -0.70 -12.85 8.22
CA SER A 455 -1.88 -12.79 9.07
C SER A 455 -2.64 -11.46 9.00
N MET A 456 -2.01 -10.38 8.54
CA MET A 456 -2.72 -9.09 8.44
C MET A 456 -3.52 -8.91 7.15
N GLN A 457 -3.28 -9.79 6.17
CA GLN A 457 -3.96 -9.66 4.86
C GLN A 457 -5.44 -9.87 5.04
N THR A 458 -6.21 -9.26 4.15
CA THR A 458 -7.65 -9.32 4.30
C THR A 458 -8.28 -9.64 2.94
N VAL A 459 -9.58 -9.38 2.78
CA VAL A 459 -10.33 -9.97 1.68
C VAL A 459 -10.87 -8.91 0.71
N PHE A 460 -10.99 -9.34 -0.54
CA PHE A 460 -11.76 -8.59 -1.55
C PHE A 460 -12.52 -9.55 -2.46
N VAL A 461 -13.82 -9.30 -2.55
CA VAL A 461 -14.71 -9.93 -3.54
C VAL A 461 -15.59 -8.84 -4.14
N GLY A 462 -15.68 -8.83 -5.47
CA GLY A 462 -16.62 -7.94 -6.17
C GLY A 462 -17.61 -8.81 -6.97
N TYR A 463 -18.88 -8.50 -6.82
CA TYR A 463 -19.93 -9.25 -7.52
C TYR A 463 -20.95 -8.30 -8.14
N GLY A 464 -21.22 -8.41 -9.43
CA GLY A 464 -22.30 -7.62 -10.02
C GLY A 464 -22.07 -7.51 -11.51
N PRO A 465 -22.93 -6.74 -12.21
CA PRO A 465 -22.83 -6.55 -13.66
C PRO A 465 -21.52 -5.93 -14.10
N THR A 466 -20.91 -5.07 -13.29
CA THR A 466 -19.72 -4.37 -13.73
C THR A 466 -18.43 -5.15 -13.43
N PHE A 467 -18.50 -6.12 -12.50
CA PHE A 467 -17.39 -7.02 -12.19
C PHE A 467 -17.35 -8.21 -13.16
N LYS A 468 -16.19 -8.83 -13.30
CA LYS A 468 -16.09 -10.03 -14.11
C LYS A 468 -16.73 -11.25 -13.45
N TYR A 469 -16.97 -12.26 -14.27
CA TYR A 469 -17.64 -13.48 -13.87
C TYR A 469 -16.62 -14.58 -13.57
N ARG A 470 -16.74 -15.28 -12.43
CA ARG A 470 -15.82 -16.36 -12.02
C ARG A 470 -14.36 -16.06 -12.30
N THR A 471 -13.87 -14.91 -11.83
CA THR A 471 -12.55 -14.44 -12.20
C THR A 471 -11.71 -14.28 -10.94
N LYS A 472 -10.50 -14.83 -10.94
CA LYS A 472 -9.55 -14.61 -9.86
C LYS A 472 -8.54 -13.59 -10.31
N VAL A 473 -8.27 -12.58 -9.49
CA VAL A 473 -7.25 -11.60 -9.85
C VAL A 473 -6.11 -11.68 -8.85
N PRO A 474 -4.91 -11.21 -9.26
CA PRO A 474 -3.81 -11.20 -8.25
C PRO A 474 -4.07 -10.29 -7.03
N PRO A 475 -3.37 -10.55 -5.90
CA PRO A 475 -3.49 -9.67 -4.73
C PRO A 475 -3.15 -8.22 -5.10
N PHE A 476 -3.79 -7.27 -4.43
CA PHE A 476 -3.58 -5.85 -4.72
C PHE A 476 -3.82 -5.11 -3.42
N GLU A 477 -3.43 -3.84 -3.38
CA GLU A 477 -3.50 -2.98 -2.20
C GLU A 477 -4.80 -2.23 -2.08
N ASN A 478 -5.28 -2.07 -0.85
CA ASN A 478 -6.55 -1.41 -0.67
C ASN A 478 -6.63 0.07 -1.11
N ILE A 479 -5.48 0.76 -1.17
CA ILE A 479 -5.44 2.13 -1.70
C ILE A 479 -5.95 2.22 -3.13
N GLU A 480 -6.00 1.09 -3.84
CA GLU A 480 -6.46 1.06 -5.26
C GLU A 480 -7.99 1.08 -5.47
N LEU A 481 -8.76 0.81 -4.41
CA LEU A 481 -10.18 0.53 -4.55
C LEU A 481 -11.00 1.81 -4.71
N TYR A 482 -10.57 2.92 -4.13
CA TYR A 482 -11.32 4.17 -4.29
C TYR A 482 -11.53 4.48 -5.77
N ASN A 483 -10.44 4.37 -6.56
CA ASN A 483 -10.55 4.64 -8.04
C ASN A 483 -11.61 3.77 -8.68
N VAL A 484 -11.59 2.49 -8.36
CA VAL A 484 -12.54 1.55 -8.91
C VAL A 484 -13.98 1.84 -8.47
N MET A 485 -14.16 2.18 -7.19
CA MET A 485 -15.47 2.55 -6.72
C MET A 485 -15.96 3.79 -7.47
N CYS A 486 -15.07 4.75 -7.71
CA CYS A 486 -15.42 5.91 -8.54
C CYS A 486 -15.83 5.51 -9.99
N ASP A 487 -15.06 4.61 -10.62
CA ASP A 487 -15.40 4.02 -11.92
C ASP A 487 -16.77 3.34 -11.88
N LEU A 488 -17.04 2.59 -10.81
CA LEU A 488 -18.34 1.90 -10.69
C LEU A 488 -19.52 2.84 -10.64
N LEU A 489 -19.25 4.08 -10.22
CA LEU A 489 -20.27 5.09 -10.04
C LEU A 489 -20.19 6.22 -11.06
N GLY A 490 -19.33 6.10 -12.06
CA GLY A 490 -19.12 7.18 -13.04
C GLY A 490 -18.61 8.48 -12.46
N LEU A 491 -17.78 8.41 -11.41
CA LEU A 491 -17.27 9.63 -10.74
C LEU A 491 -15.82 9.87 -11.10
N LYS A 492 -15.39 11.11 -11.07
CA LYS A 492 -14.00 11.47 -11.25
C LYS A 492 -13.34 11.41 -9.86
N PRO A 493 -12.32 10.55 -9.69
CA PRO A 493 -11.75 10.43 -8.34
C PRO A 493 -11.02 11.70 -7.94
N ALA A 494 -11.11 12.10 -6.68
CA ALA A 494 -10.18 13.13 -6.19
C ALA A 494 -8.75 12.57 -6.23
N PRO A 495 -7.72 13.45 -6.20
CA PRO A 495 -6.33 13.02 -6.29
C PRO A 495 -5.99 12.03 -5.19
N ASN A 496 -5.44 10.86 -5.54
CA ASN A 496 -5.23 9.87 -4.49
C ASN A 496 -3.99 9.01 -4.80
N ASN A 497 -3.70 8.01 -3.96
CA ASN A 497 -2.48 7.18 -4.14
C ASN A 497 -2.67 5.89 -4.92
N GLY A 498 -3.88 5.59 -5.36
CA GLY A 498 -4.08 4.45 -6.22
C GLY A 498 -3.47 4.86 -7.58
N THR A 499 -3.44 3.93 -8.50
CA THR A 499 -2.81 4.14 -9.80
C THR A 499 -3.94 3.74 -10.72
N HIS A 500 -4.59 4.73 -11.28
CA HIS A 500 -5.89 4.51 -11.89
C HIS A 500 -5.67 3.77 -13.19
N GLY A 501 -6.28 2.59 -13.28
CA GLY A 501 -6.08 1.70 -14.38
C GLY A 501 -5.44 0.41 -13.94
N SER A 502 -4.72 0.39 -12.82
CA SER A 502 -4.04 -0.83 -12.40
C SER A 502 -5.01 -1.95 -12.00
N LEU A 503 -6.26 -1.59 -11.70
CA LEU A 503 -7.29 -2.60 -11.42
C LEU A 503 -8.34 -2.74 -12.54
N ASN A 504 -7.98 -2.35 -13.77
CA ASN A 504 -8.95 -2.51 -14.88
C ASN A 504 -9.34 -3.97 -15.12
N HIS A 505 -8.40 -4.88 -14.85
CA HIS A 505 -8.66 -6.30 -15.02
C HIS A 505 -9.74 -6.89 -14.09
N LEU A 506 -10.27 -6.09 -13.15
CA LEU A 506 -11.35 -6.58 -12.26
C LEU A 506 -12.71 -6.38 -12.94
N LEU A 507 -12.73 -5.57 -13.97
CA LEU A 507 -13.99 -5.01 -14.43
C LEU A 507 -14.37 -5.54 -15.78
N ARG A 508 -15.67 -5.80 -15.93
CA ARG A 508 -16.23 -6.15 -17.23
C ARG A 508 -16.33 -4.92 -18.12
N THR A 509 -16.78 -3.79 -17.56
CA THR A 509 -16.97 -2.53 -18.32
C THR A 509 -16.55 -1.37 -17.40
N ASN A 510 -16.70 -0.12 -17.86
CA ASN A 510 -16.35 1.09 -17.08
C ASN A 510 -14.84 1.18 -16.83
N THR A 511 -14.03 0.52 -17.66
CA THR A 511 -12.60 0.59 -17.41
C THR A 511 -12.15 2.08 -17.60
N PHE A 512 -10.99 2.40 -17.04
CA PHE A 512 -10.51 3.77 -17.15
C PHE A 512 -9.34 3.62 -18.04
N ARG A 513 -9.33 4.36 -19.13
CA ARG A 513 -8.28 4.12 -20.11
C ARG A 513 -7.21 5.18 -20.01
N PRO A 514 -6.21 4.96 -19.14
CA PRO A 514 -5.27 6.07 -18.98
C PRO A 514 -4.26 6.13 -20.12
N THR A 515 -3.62 7.29 -20.24
CA THR A 515 -2.56 7.52 -21.20
C THR A 515 -1.24 7.63 -20.42
N MET A 516 -0.13 7.32 -21.07
CA MET A 516 1.18 7.45 -20.44
C MET A 516 1.44 8.94 -20.19
N PRO A 517 2.08 9.28 -19.06
CA PRO A 517 2.43 10.68 -18.87
C PRO A 517 3.42 11.17 -19.94
N ASP A 518 3.34 12.45 -20.31
CA ASP A 518 4.23 13.01 -21.32
C ASP A 518 5.63 13.20 -20.74
N GLU A 519 6.68 12.86 -21.49
CA GLU A 519 8.06 13.13 -21.05
C GLU A 519 8.21 14.63 -20.98
N VAL A 520 8.84 15.14 -19.92
CA VAL A 520 8.99 16.59 -19.82
C VAL A 520 10.37 17.03 -20.31
N SER A 521 11.42 16.26 -19.97
CA SER A 521 12.77 16.63 -20.38
C SER A 521 13.28 15.64 -21.36
N ARG A 522 13.71 16.11 -22.51
CA ARG A 522 14.40 15.21 -23.45
C ARG A 522 15.92 15.22 -23.19
N PRO A 523 16.56 14.06 -23.39
CA PRO A 523 17.94 13.87 -23.09
C PRO A 523 18.85 14.53 -24.13
N ASN A 524 20.05 14.91 -23.71
CA ASN A 524 21.16 15.16 -24.66
C ASN A 524 21.86 13.83 -24.93
N TYR A 525 22.43 13.70 -26.13
CA TYR A 525 23.22 12.53 -26.51
C TYR A 525 24.65 13.01 -26.84
N PRO A 526 25.51 13.24 -25.83
CA PRO A 526 26.86 13.80 -26.07
C PRO A 526 27.82 12.83 -26.76
N GLY A 527 28.59 13.33 -27.72
CA GLY A 527 29.73 12.57 -28.25
C GLY A 527 30.99 12.98 -27.49
N ILE A 528 32.15 12.58 -28.00
CA ILE A 528 33.42 12.87 -27.37
C ILE A 528 33.71 14.35 -27.55
N MET A 529 33.80 15.09 -26.44
CA MET A 529 33.87 16.55 -26.49
CA MET A 529 33.86 16.56 -26.48
C MET A 529 35.00 17.15 -25.65
N TYR A 530 35.69 16.32 -24.87
CA TYR A 530 36.72 16.77 -23.91
C TYR A 530 37.97 15.94 -24.01
N LEU A 531 39.12 16.58 -23.90
CA LEU A 531 40.38 15.86 -23.79
C LEU A 531 40.66 15.56 -22.33
N GLN A 532 41.43 14.49 -22.12
CA GLN A 532 41.70 13.94 -20.80
C GLN A 532 42.32 15.00 -19.90
N SER A 533 43.18 15.81 -20.51
CA SER A 533 43.93 16.82 -19.74
C SER A 533 43.07 17.97 -19.26
N GLU A 534 41.85 18.14 -19.78
CA GLU A 534 40.92 19.19 -19.28
C GLU A 534 40.38 18.86 -17.92
N PHE A 535 40.54 17.62 -17.50
CA PHE A 535 40.00 17.20 -16.21
C PHE A 535 41.07 17.36 -15.13
N ASP A 536 40.63 17.86 -13.98
CA ASP A 536 41.48 17.94 -12.83
C ASP A 536 40.65 17.41 -11.66
N LEU A 537 40.38 16.10 -11.66
CA LEU A 537 39.42 15.58 -10.69
C LEU A 537 40.12 14.91 -9.52
N GLY A 538 41.44 14.66 -9.68
CA GLY A 538 42.24 14.06 -8.60
C GLY A 538 42.05 12.56 -8.62
N CYS A 539 41.56 12.04 -9.75
CA CYS A 539 41.40 10.61 -9.92
C CYS A 539 42.59 10.05 -10.64
N THR A 540 42.86 8.76 -10.45
CA THR A 540 43.88 8.05 -11.23
C THR A 540 43.31 6.72 -11.70
N CYS A 541 43.82 6.26 -12.83
CA CYS A 541 43.56 4.92 -13.29
C CYS A 541 44.75 4.37 -14.05
N ASP A 542 45.11 3.12 -13.77
CA ASP A 542 46.13 2.41 -14.54
C ASP A 542 45.51 1.90 -15.86
N ASP A 543 45.17 2.81 -16.76
CA ASP A 543 44.50 2.39 -18.01
C ASP A 543 45.24 2.75 -19.30
N LYS A 544 46.43 3.32 -19.16
CA LYS A 544 47.26 3.72 -20.32
C LYS A 544 47.94 2.50 -20.96
N VAL A 545 47.17 1.45 -21.26
CA VAL A 545 47.71 0.29 -22.01
C VAL A 545 46.87 0.06 -23.28
N GLU A 546 47.52 0.18 -24.45
CA GLU A 546 46.85 0.29 -25.75
C GLU A 546 46.03 -0.95 -26.18
N ASN A 549 43.96 -1.13 -32.82
CA ASN A 549 43.44 -2.30 -33.49
C ASN A 549 42.17 -1.95 -34.28
N LYS A 550 42.34 -1.61 -35.56
CA LYS A 550 41.24 -1.14 -36.44
C LYS A 550 39.99 -2.04 -36.50
N LEU A 551 40.18 -3.35 -36.31
CA LEU A 551 39.07 -4.31 -36.19
C LEU A 551 38.13 -3.89 -35.02
N GLU A 552 38.69 -3.91 -33.82
CA GLU A 552 37.94 -3.66 -32.60
C GLU A 552 37.72 -2.17 -32.28
N GLU A 553 38.49 -1.29 -32.91
CA GLU A 553 38.30 0.16 -32.76
C GLU A 553 36.92 0.62 -33.19
N LEU A 554 36.48 0.23 -34.40
CA LEU A 554 35.15 0.61 -34.88
C LEU A 554 34.07 0.04 -33.94
N ASN A 555 34.33 -1.17 -33.45
CA ASN A 555 33.44 -1.86 -32.52
C ASN A 555 33.06 -1.08 -31.24
N LYS A 556 34.08 -0.59 -30.53
CA LYS A 556 33.88 0.22 -29.31
C LYS A 556 33.20 1.58 -29.58
N ARG A 557 33.47 2.18 -30.74
CA ARG A 557 32.72 3.36 -31.19
C ARG A 557 31.23 3.04 -31.37
N LEU A 558 30.92 1.87 -31.93
CA LEU A 558 29.53 1.45 -32.14
C LEU A 558 28.83 1.35 -30.77
N HIS A 559 29.52 0.77 -29.77
CA HIS A 559 29.00 0.59 -28.41
C HIS A 559 28.67 1.93 -27.76
N THR A 560 29.57 2.89 -27.95
CA THR A 560 29.37 4.26 -27.43
C THR A 560 28.23 4.97 -28.18
N LYS A 561 27.90 4.50 -29.39
CA LYS A 561 26.77 5.12 -30.13
C LYS A 561 25.43 4.41 -29.90
N GLY A 562 25.42 3.30 -29.16
CA GLY A 562 24.15 2.65 -28.84
C GLY A 562 23.92 1.26 -29.42
N SER A 563 24.95 0.68 -30.05
CA SER A 563 24.81 -0.64 -30.72
C SER A 563 24.31 -1.81 -29.85
N THR A 564 24.56 -1.77 -28.55
CA THR A 564 24.08 -2.83 -27.67
C THR A 564 22.87 -2.40 -26.85
N LYS A 565 22.32 -1.22 -27.15
CA LYS A 565 21.25 -0.65 -26.28
C LYS A 565 19.97 -1.51 -26.23
N GLU A 566 19.69 -2.25 -27.29
CA GLU A 566 18.46 -3.08 -27.34
C GLU A 566 18.57 -4.24 -26.34
N ARG A 567 19.80 -4.61 -26.00
CA ARG A 567 20.06 -5.65 -25.04
C ARG A 567 19.89 -5.15 -23.60
N HIS A 568 20.36 -3.93 -23.32
CA HIS A 568 20.45 -3.44 -21.94
C HIS A 568 19.30 -2.52 -21.55
N LEU A 569 18.65 -1.96 -22.54
CA LEU A 569 17.46 -1.16 -22.30
C LEU A 569 16.21 -1.85 -22.90
N LEU A 570 15.65 -2.78 -22.16
CA LEU A 570 14.63 -3.68 -22.73
C LEU A 570 13.23 -3.12 -22.87
N TYR A 571 12.86 -2.10 -22.10
CA TYR A 571 11.50 -1.60 -22.03
C TYR A 571 11.49 -0.10 -22.36
N GLY A 572 12.45 0.34 -23.18
CA GLY A 572 12.58 1.75 -23.54
C GLY A 572 13.33 2.53 -22.47
N ARG A 573 13.78 3.73 -22.80
CA ARG A 573 14.37 4.52 -21.72
C ARG A 573 13.27 5.10 -20.85
N PRO A 574 13.53 5.19 -19.54
CA PRO A 574 12.62 5.81 -18.58
C PRO A 574 12.33 7.25 -19.01
N ALA A 575 11.11 7.72 -18.82
CA ALA A 575 10.85 9.12 -19.16
C ALA A 575 11.05 10.00 -17.93
N VAL A 576 11.65 11.16 -18.14
CA VAL A 576 11.90 12.15 -17.08
C VAL A 576 10.71 13.11 -17.05
N LEU A 577 9.94 13.07 -15.96
CA LEU A 577 8.70 13.81 -15.85
C LEU A 577 8.82 15.15 -15.14
N TYR A 578 10.02 15.72 -15.11
CA TYR A 578 10.16 17.08 -14.58
C TYR A 578 11.24 17.75 -15.41
N ARG A 579 11.40 19.05 -15.22
CA ARG A 579 12.41 19.84 -15.96
CA ARG A 579 12.40 19.84 -15.96
C ARG A 579 13.82 19.65 -15.42
N THR A 580 14.73 19.17 -16.25
CA THR A 580 16.11 18.95 -15.83
C THR A 580 17.02 18.81 -17.05
N SER A 581 18.32 18.79 -16.81
CA SER A 581 19.30 18.66 -17.86
CA SER A 581 19.30 18.64 -17.87
C SER A 581 20.00 17.33 -17.67
N TYR A 582 19.89 16.44 -18.64
CA TYR A 582 20.54 15.14 -18.48
C TYR A 582 21.01 14.55 -19.78
N ASP A 583 21.93 13.62 -19.70
CA ASP A 583 22.57 13.01 -20.88
C ASP A 583 22.32 11.51 -20.93
N ILE A 584 22.06 10.97 -22.10
CA ILE A 584 22.13 9.51 -22.28
C ILE A 584 23.56 9.11 -22.61
N LEU A 585 24.07 8.12 -21.88
CA LEU A 585 25.42 7.58 -22.07
C LEU A 585 25.30 6.08 -22.36
N TYR A 586 25.83 5.68 -23.50
CA TYR A 586 25.81 4.28 -23.91
C TYR A 586 27.15 3.63 -23.62
N HIS A 587 27.14 2.32 -23.33
CA HIS A 587 28.34 1.54 -23.11
C HIS A 587 28.05 0.11 -23.56
N THR A 588 29.11 -0.67 -23.70
CA THR A 588 28.97 -2.08 -24.07
C THR A 588 27.96 -2.79 -23.21
N ASP A 589 28.13 -2.65 -21.89
CA ASP A 589 27.37 -3.44 -20.91
C ASP A 589 26.19 -2.74 -20.21
N PHE A 590 26.02 -1.45 -20.42
CA PHE A 590 24.99 -0.68 -19.70
C PHE A 590 24.74 0.67 -20.35
N GLU A 591 23.55 1.20 -20.08
CA GLU A 591 23.12 2.53 -20.57
CA GLU A 591 23.19 2.54 -20.56
C GLU A 591 22.72 3.32 -19.35
N SER A 592 22.97 4.64 -19.37
CA SER A 592 22.56 5.44 -18.23
C SER A 592 21.97 6.77 -18.66
N GLY A 593 21.17 7.35 -17.77
CA GLY A 593 20.65 8.70 -17.89
C GLY A 593 21.36 9.50 -16.82
N TYR A 594 22.31 10.33 -17.25
CA TYR A 594 23.26 11.06 -16.36
C TYR A 594 22.83 12.51 -16.10
N SER A 595 22.58 12.85 -14.82
CA SER A 595 22.03 14.18 -14.47
C SER A 595 23.18 15.18 -14.35
N GLU A 596 23.17 16.21 -15.18
CA GLU A 596 24.13 17.29 -14.99
C GLU A 596 23.88 18.12 -13.73
N ILE A 597 22.69 18.02 -13.18
CA ILE A 597 22.36 18.77 -11.96
C ILE A 597 22.81 18.01 -10.72
N PHE A 598 22.53 16.71 -10.64
CA PHE A 598 22.93 15.92 -9.48
C PHE A 598 24.31 15.27 -9.60
N LEU A 599 24.95 15.42 -10.77
CA LEU A 599 26.29 14.88 -11.03
C LEU A 599 26.41 13.35 -10.95
N MET A 600 25.35 12.65 -11.30
CA MET A 600 25.36 11.20 -11.24
C MET A 600 24.15 10.74 -12.05
N PRO A 601 24.10 9.44 -12.40
CA PRO A 601 22.91 8.93 -13.09
C PRO A 601 21.64 9.00 -12.27
N LEU A 602 20.56 9.29 -12.95
CA LEU A 602 19.23 9.17 -12.39
C LEU A 602 18.85 7.70 -12.47
N TRP A 603 19.41 7.01 -13.47
CA TRP A 603 19.12 5.59 -13.69
C TRP A 603 20.25 5.00 -14.51
N THR A 604 20.45 3.70 -14.33
CA THR A 604 21.46 2.94 -15.07
C THR A 604 20.78 1.61 -15.35
N SER A 605 20.80 1.17 -16.63
CA SER A 605 20.07 -0.02 -17.06
C SER A 605 21.05 -1.04 -17.65
N TYR A 606 20.92 -2.30 -17.24
CA TYR A 606 21.76 -3.33 -17.81
C TYR A 606 21.09 -4.67 -17.71
N THR A 607 21.45 -5.56 -18.63
CA THR A 607 20.86 -6.89 -18.65
C THR A 607 21.96 -7.93 -18.40
N ILE A 608 21.63 -8.92 -17.56
CA ILE A 608 22.53 -9.97 -17.11
C ILE A 608 21.85 -11.29 -17.50
N SER A 609 22.41 -11.99 -18.46
CA SER A 609 21.80 -13.24 -18.88
C SER A 609 22.14 -14.34 -17.86
N LYS A 610 21.37 -15.43 -17.93
CA LYS A 610 21.62 -16.60 -17.11
C LYS A 610 23.07 -17.09 -17.21
N GLN A 611 23.66 -16.95 -18.40
CA GLN A 611 25.01 -17.44 -18.65
C GLN A 611 26.11 -16.49 -18.19
N ALA A 612 25.77 -15.26 -17.80
CA ALA A 612 26.81 -14.28 -17.43
C ALA A 612 27.76 -14.82 -16.41
N GLU A 613 28.99 -14.34 -16.45
CA GLU A 613 30.02 -14.73 -15.49
C GLU A 613 30.38 -13.51 -14.63
N VAL A 614 30.63 -13.77 -13.35
CA VAL A 614 31.09 -12.80 -12.38
C VAL A 614 32.61 -12.83 -12.34
N SER A 615 33.22 -11.67 -12.32
CA SER A 615 34.67 -11.60 -12.21
C SER A 615 35.02 -10.62 -11.10
N SER A 616 36.30 -10.48 -10.79
CA SER A 616 36.72 -9.59 -9.72
C SER A 616 37.19 -8.25 -10.31
N ILE A 617 37.34 -7.26 -9.45
CA ILE A 617 38.05 -6.04 -9.83
C ILE A 617 39.55 -6.38 -9.82
N PRO A 618 40.21 -6.31 -10.98
CA PRO A 618 41.65 -6.57 -11.04
C PRO A 618 42.38 -5.67 -10.07
N GLU A 619 43.49 -6.18 -9.54
CA GLU A 619 44.34 -5.43 -8.61
C GLU A 619 44.75 -4.05 -9.09
N HIS A 620 45.18 -3.94 -10.34
CA HIS A 620 45.64 -2.65 -10.84
C HIS A 620 44.47 -1.64 -11.01
N LEU A 621 43.22 -2.11 -10.96
CA LEU A 621 42.03 -1.23 -11.14
C LEU A 621 41.29 -0.93 -9.83
N THR A 622 41.84 -1.33 -8.69
CA THR A 622 41.12 -1.16 -7.41
C THR A 622 40.67 0.26 -7.10
N ASN A 623 41.54 1.24 -7.31
CA ASN A 623 41.16 2.63 -7.04
C ASN A 623 40.98 3.47 -8.31
N CYS A 624 40.74 2.77 -9.42
CA CYS A 624 40.61 3.44 -10.70
C CYS A 624 39.28 4.21 -10.83
N VAL A 625 39.38 5.51 -11.07
CA VAL A 625 38.25 6.31 -11.60
C VAL A 625 38.71 7.06 -12.84
N ARG A 626 37.90 7.06 -13.90
CA ARG A 626 38.30 7.56 -15.21
C ARG A 626 37.36 8.70 -15.65
N PRO A 627 37.94 9.84 -16.05
CA PRO A 627 37.11 10.91 -16.65
C PRO A 627 36.32 10.42 -17.85
N ASP A 628 35.13 10.97 -18.03
CA ASP A 628 34.25 10.61 -19.11
C ASP A 628 34.31 11.75 -20.11
N VAL A 629 34.91 11.50 -21.28
CA VAL A 629 35.24 12.61 -22.21
C VAL A 629 33.96 13.08 -22.95
N ARG A 630 32.81 12.45 -22.68
CA ARG A 630 31.52 12.96 -23.19
C ARG A 630 30.94 14.02 -22.27
N VAL A 631 31.46 14.14 -21.06
CA VAL A 631 30.83 14.97 -19.99
C VAL A 631 31.83 15.97 -19.42
N SER A 632 31.46 17.26 -19.35
CA SER A 632 32.43 18.29 -18.97
C SER A 632 32.95 18.09 -17.55
N PRO A 633 34.22 18.52 -17.29
CA PRO A 633 34.73 18.47 -15.93
C PRO A 633 33.76 19.16 -14.96
N GLY A 634 33.14 20.27 -15.40
CA GLY A 634 32.24 21.10 -14.56
C GLY A 634 31.00 20.31 -14.16
N PHE A 635 30.69 19.25 -14.90
CA PHE A 635 29.49 18.45 -14.60
C PHE A 635 29.85 17.05 -14.16
N SER A 636 31.04 16.91 -13.61
CA SER A 636 31.51 15.59 -13.17
C SER A 636 31.73 15.63 -11.69
N GLN A 637 31.69 14.47 -11.06
CA GLN A 637 32.21 14.34 -9.69
C GLN A 637 33.75 14.44 -9.73
N ASN A 638 34.38 14.46 -8.56
CA ASN A 638 35.86 14.45 -8.50
C ASN A 638 36.24 13.57 -7.33
N CYS A 639 37.40 12.92 -7.45
CA CYS A 639 37.90 11.99 -6.44
C CYS A 639 38.41 12.68 -5.17
N LEU A 640 38.92 13.89 -5.30
CA LEU A 640 39.43 14.64 -4.17
C LEU A 640 38.36 14.85 -3.11
N ALA A 641 37.12 15.11 -3.54
CA ALA A 641 36.01 15.25 -2.58
C ALA A 641 35.92 14.01 -1.69
N TYR A 642 35.99 12.81 -2.28
CA TYR A 642 35.95 11.58 -1.50
C TYR A 642 37.18 11.35 -0.64
N LYS A 643 38.36 11.64 -1.18
CA LYS A 643 39.57 11.60 -0.34
C LYS A 643 39.37 12.45 0.92
N ASN A 644 38.91 13.68 0.75
CA ASN A 644 38.73 14.58 1.88
C ASN A 644 37.57 14.27 2.85
N ASP A 645 36.49 13.67 2.36
CA ASP A 645 35.32 13.35 3.20
C ASP A 645 35.59 12.03 3.89
N LYS A 646 35.96 12.12 5.16
CA LYS A 646 36.40 10.93 5.88
C LYS A 646 35.26 9.94 6.17
N GLN A 647 34.02 10.42 6.09
CA GLN A 647 32.83 9.58 6.29
C GLN A 647 32.37 8.85 5.05
N MET A 648 32.72 9.37 3.88
CA MET A 648 32.02 9.03 2.64
C MET A 648 32.94 8.33 1.67
N SER A 649 32.48 7.23 1.11
CA SER A 649 33.23 6.58 0.04
C SER A 649 32.37 6.61 -1.24
N TYR A 650 32.61 5.73 -2.18
CA TYR A 650 31.85 5.71 -3.45
C TYR A 650 31.67 4.28 -3.94
N GLY A 651 30.66 4.06 -4.77
CA GLY A 651 30.38 2.75 -5.36
C GLY A 651 30.01 3.03 -6.80
N PHE A 652 29.60 2.00 -7.53
CA PHE A 652 29.29 2.17 -8.92
C PHE A 652 27.89 1.62 -9.13
N LEU A 653 27.15 2.27 -10.03
CA LEU A 653 25.83 1.77 -10.36
C LEU A 653 25.84 0.52 -11.23
N PHE A 654 26.51 0.57 -12.38
CA PHE A 654 26.75 -0.70 -13.10
C PHE A 654 27.93 -1.38 -12.41
N PRO A 655 27.79 -2.64 -11.96
CA PRO A 655 28.87 -3.26 -11.18
C PRO A 655 30.05 -3.73 -12.05
N PRO A 656 31.28 -3.33 -11.70
CA PRO A 656 32.41 -3.85 -12.47
C PRO A 656 32.47 -5.38 -12.47
N TYR A 657 31.89 -6.04 -11.46
CA TYR A 657 31.92 -7.51 -11.35
C TYR A 657 31.24 -8.22 -12.48
N LEU A 658 30.35 -7.54 -13.19
CA LEU A 658 29.54 -8.17 -14.23
C LEU A 658 29.85 -7.71 -15.65
N SER A 659 31.02 -7.09 -15.78
CA SER A 659 31.54 -6.66 -17.09
C SER A 659 31.59 -7.84 -18.07
N SER A 660 31.32 -7.60 -19.36
CA SER A 660 31.31 -8.67 -20.32
C SER A 660 32.73 -9.13 -20.74
N SER A 661 33.75 -8.31 -20.52
CA SER A 661 35.11 -8.65 -20.93
C SER A 661 36.05 -7.72 -20.20
N PRO A 662 37.34 -8.10 -20.11
CA PRO A 662 38.31 -7.22 -19.45
C PRO A 662 38.33 -5.81 -20.03
N GLU A 663 38.18 -5.68 -21.35
CA GLU A 663 38.15 -4.35 -21.93
C GLU A 663 36.88 -3.56 -21.60
N ALA A 664 35.71 -4.22 -21.58
CA ALA A 664 34.48 -3.52 -21.27
C ALA A 664 34.50 -3.05 -19.81
N LYS A 665 35.23 -3.77 -18.96
CA LYS A 665 35.32 -3.43 -17.54
C LYS A 665 35.76 -1.99 -17.28
N TYR A 666 36.62 -1.42 -18.15
CA TYR A 666 37.06 -0.03 -17.97
C TYR A 666 35.92 0.98 -17.98
N ASP A 667 34.84 0.68 -18.71
CA ASP A 667 33.64 1.54 -18.74
C ASP A 667 33.02 1.63 -17.34
N ALA A 668 33.09 0.55 -16.59
CA ALA A 668 32.48 0.56 -15.22
C ALA A 668 33.16 1.53 -14.26
N PHE A 669 34.39 1.95 -14.60
CA PHE A 669 35.13 2.86 -13.72
C PHE A 669 35.05 4.32 -14.14
N LEU A 670 34.18 4.62 -15.11
CA LEU A 670 33.95 6.00 -15.50
C LEU A 670 33.38 6.76 -14.33
N VAL A 671 33.81 8.01 -14.21
CA VAL A 671 33.39 8.90 -13.16
C VAL A 671 31.88 9.13 -13.23
N THR A 672 31.29 8.91 -14.42
CA THR A 672 29.87 9.09 -14.63
C THR A 672 29.02 7.88 -14.17
N ASN A 673 29.67 6.82 -13.68
CA ASN A 673 28.99 5.60 -13.15
C ASN A 673 29.18 5.58 -11.61
N MET A 674 29.88 6.57 -11.05
CA MET A 674 30.16 6.63 -9.60
CA MET A 674 30.13 6.60 -9.60
C MET A 674 29.05 7.34 -8.80
N VAL A 675 28.83 6.89 -7.56
CA VAL A 675 27.82 7.42 -6.66
C VAL A 675 28.36 7.38 -5.24
N PRO A 676 27.96 8.35 -4.42
CA PRO A 676 28.54 8.37 -3.08
C PRO A 676 27.89 7.29 -2.24
N MET A 677 28.74 6.59 -1.49
CA MET A 677 28.28 5.56 -0.57
C MET A 677 29.08 5.52 0.70
N TYR A 678 28.37 5.56 1.84
CA TYR A 678 28.98 5.23 3.14
C TYR A 678 29.63 3.87 3.09
N PRO A 679 30.84 3.71 3.71
CA PRO A 679 31.45 2.36 3.77
C PRO A 679 30.46 1.30 4.28
N ALA A 680 29.60 1.64 5.26
CA ALA A 680 28.72 0.62 5.83
C ALA A 680 27.70 0.17 4.79
N PHE A 681 27.22 1.11 3.99
CA PHE A 681 26.35 0.79 2.88
C PHE A 681 27.04 -0.03 1.78
N LYS A 682 28.31 0.28 1.52
CA LYS A 682 29.04 -0.41 0.48
C LYS A 682 29.12 -1.89 0.75
N ARG A 683 29.13 -2.32 2.01
CA ARG A 683 29.02 -3.75 2.30
C ARG A 683 27.73 -4.36 1.70
N VAL A 684 26.63 -3.63 1.83
CA VAL A 684 25.33 -4.11 1.33
C VAL A 684 25.35 -4.15 -0.21
N TRP A 685 25.74 -3.01 -0.78
CA TRP A 685 25.73 -2.79 -2.22
C TRP A 685 26.65 -3.78 -2.97
N ALA A 686 27.84 -3.99 -2.44
CA ALA A 686 28.82 -4.90 -3.05
C ALA A 686 28.29 -6.33 -3.06
N TYR A 687 27.57 -6.71 -2.02
CA TYR A 687 27.07 -8.10 -1.98
C TYR A 687 25.90 -8.25 -2.96
N PHE A 688 25.00 -7.25 -2.99
CA PHE A 688 23.94 -7.21 -4.00
C PHE A 688 24.56 -7.36 -5.39
N GLN A 689 25.55 -6.53 -5.71
CA GLN A 689 26.13 -6.53 -7.10
C GLN A 689 26.98 -7.78 -7.47
N ARG A 690 27.78 -8.28 -6.53
CA ARG A 690 28.70 -9.40 -6.75
C ARG A 690 28.00 -10.74 -6.64
N VAL A 691 27.07 -10.89 -5.70
CA VAL A 691 26.45 -12.18 -5.45
C VAL A 691 24.99 -12.24 -5.93
N LEU A 692 24.17 -11.26 -5.55
CA LEU A 692 22.75 -11.46 -5.71
C LEU A 692 22.25 -11.24 -7.14
N VAL A 693 22.82 -10.31 -7.88
CA VAL A 693 22.35 -10.10 -9.27
C VAL A 693 22.54 -11.42 -10.04
N LYS A 694 23.73 -11.99 -9.93
CA LYS A 694 23.98 -13.24 -10.65
CA LYS A 694 24.03 -13.28 -10.60
C LYS A 694 23.01 -14.33 -10.15
N LYS A 695 22.74 -14.37 -8.86
CA LYS A 695 21.80 -15.38 -8.37
C LYS A 695 20.38 -15.23 -8.95
N TYR A 696 19.91 -14.00 -9.02
CA TYR A 696 18.62 -13.75 -9.64
C TYR A 696 18.65 -14.10 -11.13
N ALA A 697 19.74 -13.79 -11.80
CA ALA A 697 19.79 -14.08 -13.24
C ALA A 697 19.76 -15.60 -13.48
N SER A 698 20.36 -16.39 -12.60
CA SER A 698 20.31 -17.86 -12.72
CA SER A 698 20.30 -17.84 -12.80
C SER A 698 18.93 -18.40 -12.41
N GLU A 699 18.30 -17.83 -11.38
CA GLU A 699 16.99 -18.28 -10.98
C GLU A 699 15.89 -17.85 -11.95
N ARG A 700 16.01 -16.67 -12.55
CA ARG A 700 14.90 -16.08 -13.31
C ARG A 700 15.15 -16.16 -14.79
N ASN A 701 16.29 -16.77 -15.14
CA ASN A 701 16.69 -16.88 -16.55
C ASN A 701 17.00 -15.52 -17.17
N GLY A 702 17.99 -14.85 -16.60
CA GLY A 702 18.30 -13.50 -17.06
C GLY A 702 17.45 -12.51 -16.26
N VAL A 703 18.07 -11.36 -15.97
CA VAL A 703 17.36 -10.19 -15.42
C VAL A 703 17.84 -8.92 -16.08
N ASN A 704 16.92 -7.96 -16.19
CA ASN A 704 17.28 -6.60 -16.52
C ASN A 704 17.21 -5.84 -15.22
N VAL A 705 18.22 -5.01 -14.96
CA VAL A 705 18.32 -4.26 -13.73
C VAL A 705 18.36 -2.77 -14.08
N ILE A 706 17.54 -1.99 -13.40
CA ILE A 706 17.70 -0.54 -13.41
C ILE A 706 17.97 -0.11 -11.98
N SER A 707 19.10 0.58 -11.79
CA SER A 707 19.46 1.07 -10.49
C SER A 707 19.64 2.56 -10.48
N GLY A 708 19.48 3.17 -9.32
CA GLY A 708 19.82 4.60 -9.23
C GLY A 708 19.70 5.14 -7.81
N PRO A 709 20.00 6.42 -7.64
CA PRO A 709 19.88 7.11 -6.40
C PRO A 709 18.46 7.63 -6.19
N ILE A 710 18.11 7.78 -4.93
CA ILE A 710 16.89 8.49 -4.52
C ILE A 710 17.23 9.56 -3.48
N PHE A 711 16.64 10.73 -3.65
CA PHE A 711 16.80 11.81 -2.65
C PHE A 711 15.43 12.15 -2.06
N ASP A 712 15.21 11.82 -0.79
CA ASP A 712 13.94 12.17 -0.15
C ASP A 712 14.25 12.66 1.26
N TYR A 713 14.93 13.82 1.33
CA TYR A 713 15.29 14.37 2.63
C TYR A 713 14.08 14.83 3.47
N ASN A 714 12.94 15.17 2.86
CA ASN A 714 11.77 15.57 3.69
C ASN A 714 10.76 14.43 3.82
N TYR A 715 11.20 13.23 3.49
CA TYR A 715 10.44 11.98 3.70
C TYR A 715 8.97 12.06 3.32
N ASP A 716 8.70 12.65 2.17
CA ASP A 716 7.29 12.80 1.71
C ASP A 716 6.96 11.78 0.62
N GLY A 717 7.96 10.93 0.30
CA GLY A 717 7.77 9.85 -0.66
C GLY A 717 7.91 10.39 -2.10
N LEU A 718 8.32 11.65 -2.25
CA LEU A 718 8.37 12.34 -3.54
C LEU A 718 9.79 12.88 -3.83
N ARG A 719 10.21 12.86 -5.09
CA ARG A 719 11.52 13.29 -5.52
C ARG A 719 11.84 14.66 -4.95
N ASP A 720 13.01 14.83 -4.31
CA ASP A 720 13.45 16.15 -3.86
C ASP A 720 13.95 17.00 -5.03
N THR A 721 13.67 18.30 -4.95
CA THR A 721 14.34 19.28 -5.83
C THR A 721 15.77 19.51 -5.29
N GLU A 722 16.65 20.11 -6.08
CA GLU A 722 18.03 20.41 -5.59
C GLU A 722 18.09 21.23 -4.33
N ASP A 723 17.17 22.18 -4.14
CA ASP A 723 17.23 23.03 -2.95
C ASP A 723 16.70 22.37 -1.69
N GLU A 724 16.34 21.09 -1.78
CA GLU A 724 15.90 20.30 -0.59
C GLU A 724 16.95 19.33 -0.04
N ILE A 725 18.11 19.27 -0.72
CA ILE A 725 19.20 18.34 -0.36
C ILE A 725 19.93 18.78 0.90
N LYS A 726 19.91 17.93 1.93
CA LYS A 726 20.50 18.33 3.23
C LYS A 726 21.97 17.96 3.42
N GLN A 727 22.52 17.13 2.55
CA GLN A 727 23.85 16.61 2.75
C GLN A 727 24.55 16.42 1.41
N TYR A 728 25.81 16.85 1.38
CA TYR A 728 26.71 16.79 0.21
C TYR A 728 27.96 16.11 0.66
N VAL A 729 28.70 15.55 -0.30
CA VAL A 729 30.01 15.02 -0.04
C VAL A 729 30.84 16.26 0.30
N GLU A 730 31.55 16.19 1.41
CA GLU A 730 32.22 17.35 1.99
C GLU A 730 33.07 18.11 0.99
N GLY A 731 32.79 19.40 0.88
CA GLY A 731 33.60 20.27 0.06
C GLY A 731 33.08 20.41 -1.35
N SER A 732 31.96 19.75 -1.67
CA SER A 732 31.56 19.65 -3.06
C SER A 732 30.08 19.91 -3.25
N SER A 733 29.67 19.89 -4.50
CA SER A 733 28.26 19.92 -4.84
C SER A 733 27.68 18.52 -5.19
N ILE A 734 28.31 17.46 -4.73
CA ILE A 734 27.84 16.08 -4.98
C ILE A 734 26.83 15.79 -3.87
N PRO A 735 25.54 15.68 -4.22
CA PRO A 735 24.46 15.45 -3.24
C PRO A 735 24.48 14.00 -2.77
N VAL A 736 24.10 13.77 -1.49
CA VAL A 736 24.19 12.44 -0.98
C VAL A 736 22.77 11.83 -1.02
N PRO A 737 22.63 10.67 -1.70
CA PRO A 737 21.31 10.04 -1.81
C PRO A 737 20.85 9.61 -0.41
N THR A 738 19.55 9.64 -0.15
CA THR A 738 18.94 9.03 1.06
C THR A 738 18.73 7.52 0.84
N HIS A 739 18.59 7.08 -0.41
CA HIS A 739 18.29 5.68 -0.69
C HIS A 739 18.90 5.28 -2.03
N TYR A 740 19.05 3.97 -2.28
CA TYR A 740 19.37 3.46 -3.62
C TYR A 740 18.32 2.45 -4.04
N TYR A 741 17.86 2.48 -5.28
CA TYR A 741 16.81 1.55 -5.74
C TYR A 741 17.38 0.60 -6.77
N SER A 742 16.72 -0.54 -6.94
CA SER A 742 16.94 -1.37 -8.12
C SER A 742 15.60 -2.01 -8.50
N ILE A 743 15.36 -2.04 -9.81
CA ILE A 743 14.19 -2.66 -10.40
C ILE A 743 14.74 -3.80 -11.21
N ILE A 744 14.25 -5.01 -10.92
CA ILE A 744 14.78 -6.23 -11.49
C ILE A 744 13.65 -6.95 -12.23
N THR A 745 13.75 -6.98 -13.55
CA THR A 745 12.63 -7.41 -14.42
C THR A 745 13.09 -8.67 -15.19
N SER A 746 12.17 -9.60 -15.38
CA SER A 746 12.45 -10.75 -16.22
C SER A 746 11.12 -11.24 -16.82
N CYS A 747 11.16 -12.37 -17.53
CA CYS A 747 9.97 -12.88 -18.22
C CYS A 747 9.13 -13.66 -17.22
N LEU A 748 7.82 -13.43 -17.18
CA LEU A 748 6.98 -14.21 -16.23
C LEU A 748 7.12 -15.70 -16.58
N ASP A 749 7.17 -15.98 -17.87
CA ASP A 749 7.46 -17.35 -18.35
C ASP A 749 8.99 -17.52 -18.41
N PHE A 750 9.53 -18.04 -17.33
CA PHE A 750 10.96 -18.13 -17.14
C PHE A 750 11.64 -19.17 -18.03
N THR A 751 10.87 -19.85 -18.89
CA THR A 751 11.48 -20.64 -19.97
C THR A 751 11.99 -19.74 -21.06
N GLN A 752 11.57 -18.46 -21.07
CA GLN A 752 12.14 -17.50 -22.00
C GLN A 752 13.14 -16.56 -21.29
N PRO A 753 14.27 -16.25 -21.94
CA PRO A 753 15.27 -15.41 -21.31
C PRO A 753 14.78 -13.96 -21.22
N ALA A 754 15.23 -13.25 -20.20
CA ALA A 754 14.75 -11.89 -19.97
C ALA A 754 14.79 -11.07 -21.24
N ASP A 755 15.85 -11.23 -22.04
CA ASP A 755 16.02 -10.39 -23.22
C ASP A 755 15.29 -10.81 -24.50
N LYS A 756 14.54 -11.91 -24.44
CA LYS A 756 13.71 -12.36 -25.57
C LYS A 756 12.37 -12.84 -25.06
N CYS A 757 11.66 -11.99 -24.34
CA CYS A 757 10.44 -12.38 -23.68
C CYS A 757 9.22 -11.94 -24.49
N ASP A 758 8.30 -12.87 -24.76
CA ASP A 758 7.16 -12.56 -25.63
C ASP A 758 5.90 -12.13 -24.90
N GLY A 759 5.82 -12.38 -23.60
CA GLY A 759 4.58 -12.20 -22.86
C GLY A 759 4.74 -11.29 -21.65
N PRO A 760 3.94 -11.55 -20.60
CA PRO A 760 3.99 -10.75 -19.40
C PRO A 760 5.36 -10.79 -18.70
N LEU A 761 5.62 -9.74 -17.93
CA LEU A 761 6.88 -9.55 -17.22
C LEU A 761 6.70 -9.93 -15.76
N SER A 762 7.81 -10.08 -15.05
CA SER A 762 7.79 -10.34 -13.62
C SER A 762 8.84 -9.37 -13.03
N VAL A 763 8.55 -8.74 -11.91
CA VAL A 763 9.45 -7.73 -11.38
C VAL A 763 9.60 -7.91 -9.88
N SER A 764 10.76 -7.55 -9.35
CA SER A 764 10.89 -7.26 -7.92
C SER A 764 11.80 -6.02 -7.80
N SER A 765 11.57 -5.22 -6.77
CA SER A 765 12.31 -3.94 -6.58
C SER A 765 12.59 -3.70 -5.15
N PHE A 766 13.58 -2.88 -4.88
CA PHE A 766 13.84 -2.44 -3.51
C PHE A 766 14.28 -0.98 -3.52
N ILE A 767 14.11 -0.37 -2.37
CA ILE A 767 14.56 0.98 -2.11
C ILE A 767 15.35 0.88 -0.80
N LEU A 768 16.66 0.77 -0.91
CA LEU A 768 17.46 0.50 0.30
C LEU A 768 17.88 1.83 0.94
N PRO A 769 17.75 1.93 2.27
CA PRO A 769 18.14 3.18 2.90
C PRO A 769 19.67 3.32 2.86
N HIS A 770 20.13 4.52 2.56
CA HIS A 770 21.56 4.76 2.43
C HIS A 770 22.08 5.26 3.77
N ARG A 771 22.48 4.33 4.61
CA ARG A 771 22.75 4.65 6.03
C ARG A 771 24.24 4.44 6.37
N PRO A 772 24.80 5.28 7.27
CA PRO A 772 26.22 5.22 7.61
C PRO A 772 26.56 4.11 8.58
N ASP A 773 25.58 3.32 9.01
CA ASP A 773 25.84 2.18 9.90
C ASP A 773 24.86 1.13 9.46
N ASN A 774 25.09 -0.10 9.92
CA ASN A 774 24.15 -1.15 9.72
C ASN A 774 23.48 -1.51 11.04
N ASP A 775 23.12 -0.48 11.83
CA ASP A 775 22.47 -0.79 13.15
C ASP A 775 21.11 -1.49 12.98
N GLU A 776 20.46 -1.24 11.84
CA GLU A 776 19.18 -1.89 11.53
C GLU A 776 19.32 -3.41 11.47
N SER A 777 20.47 -3.92 11.03
CA SER A 777 20.67 -5.35 10.89
C SER A 777 21.50 -5.85 12.10
N CYS A 778 20.82 -6.47 13.05
CA CYS A 778 21.45 -6.90 14.29
C CYS A 778 22.54 -7.94 14.10
N ASN A 779 22.49 -8.69 12.99
CA ASN A 779 23.52 -9.68 12.67
CA ASN A 779 23.49 -9.70 12.65
C ASN A 779 24.58 -9.18 11.70
N SER A 780 24.73 -7.85 11.59
CA SER A 780 25.67 -7.28 10.57
C SER A 780 27.18 -7.57 10.75
N SER A 781 27.60 -7.97 11.94
CA SER A 781 29.02 -8.35 12.15
CA SER A 781 29.01 -8.35 12.14
C SER A 781 29.32 -9.67 11.44
N GLU A 782 28.29 -10.38 11.02
CA GLU A 782 28.49 -11.63 10.32
C GLU A 782 28.68 -11.37 8.83
N ASP A 783 28.88 -12.46 8.09
CA ASP A 783 29.13 -12.40 6.67
C ASP A 783 27.84 -11.92 6.02
N GLU A 784 27.96 -11.04 5.04
CA GLU A 784 26.82 -10.52 4.27
C GLU A 784 25.81 -11.61 3.87
N SER A 785 26.26 -12.86 3.71
CA SER A 785 25.34 -13.94 3.34
C SER A 785 24.29 -14.23 4.43
N LYS A 786 24.48 -13.66 5.61
CA LYS A 786 23.59 -13.95 6.74
C LYS A 786 22.62 -12.82 7.06
N TRP A 787 22.75 -11.66 6.40
CA TRP A 787 21.96 -10.52 6.76
C TRP A 787 21.55 -9.57 5.62
N VAL A 788 22.27 -9.58 4.49
CA VAL A 788 22.03 -8.56 3.48
C VAL A 788 20.71 -8.81 2.77
N GLU A 789 20.49 -10.06 2.34
CA GLU A 789 19.27 -10.33 1.62
C GLU A 789 18.01 -10.08 2.51
N GLU A 790 18.13 -10.36 3.81
CA GLU A 790 17.05 -10.13 4.76
C GLU A 790 16.73 -8.60 4.84
N LEU A 791 17.77 -7.77 4.80
CA LEU A 791 17.60 -6.33 4.75
C LEU A 791 16.86 -5.90 3.46
N MET A 792 17.31 -6.43 2.35
CA MET A 792 16.69 -6.05 1.10
C MET A 792 15.22 -6.49 1.03
N LYS A 793 14.89 -7.67 1.58
CA LYS A 793 13.48 -8.11 1.62
C LYS A 793 12.59 -7.16 2.41
N MET A 794 13.09 -6.70 3.56
CA MET A 794 12.41 -5.72 4.39
C MET A 794 12.12 -4.42 3.59
N HIS A 795 13.02 -4.09 2.65
CA HIS A 795 12.97 -2.84 1.88
C HIS A 795 12.48 -3.04 0.42
N THR A 796 11.73 -4.14 0.24
CA THR A 796 11.09 -4.43 -1.02
C THR A 796 10.16 -3.24 -1.37
N ALA A 797 9.98 -2.98 -2.67
CA ALA A 797 9.19 -1.81 -3.10
C ALA A 797 8.42 -2.11 -4.36
N ARG A 798 7.45 -1.26 -4.65
CA ARG A 798 6.75 -1.28 -5.96
C ARG A 798 7.48 -0.37 -6.92
N VAL A 799 7.45 -0.69 -8.19
CA VAL A 799 8.02 0.23 -9.15
C VAL A 799 7.39 1.62 -8.99
N ARG A 800 6.10 1.66 -8.70
CA ARG A 800 5.38 2.93 -8.50
C ARG A 800 5.99 3.80 -7.40
N ASP A 801 6.48 3.14 -6.34
CA ASP A 801 7.08 3.87 -5.18
C ASP A 801 8.33 4.60 -5.68
N ILE A 802 9.11 3.92 -6.53
CA ILE A 802 10.35 4.46 -7.14
C ILE A 802 10.00 5.56 -8.11
N GLU A 803 8.93 5.37 -8.87
CA GLU A 803 8.47 6.44 -9.72
C GLU A 803 8.20 7.74 -8.97
N HIS A 804 7.47 7.66 -7.86
CA HIS A 804 7.17 8.86 -7.08
C HIS A 804 8.48 9.50 -6.58
N LEU A 805 9.43 8.66 -6.13
CA LEU A 805 10.67 9.11 -5.50
C LEU A 805 11.69 9.65 -6.46
N THR A 806 11.51 9.43 -7.76
CA THR A 806 12.51 9.80 -8.78
C THR A 806 11.97 10.68 -9.88
N GLY A 807 10.65 10.76 -10.04
CA GLY A 807 10.04 11.52 -11.20
C GLY A 807 10.36 10.84 -12.51
N LEU A 808 10.61 9.53 -12.45
CA LEU A 808 10.83 8.76 -13.68
C LEU A 808 9.59 7.92 -14.00
N ASP A 809 9.40 7.60 -15.26
CA ASP A 809 8.31 6.70 -15.68
C ASP A 809 8.94 5.56 -16.49
N PHE A 810 8.81 4.34 -15.99
CA PHE A 810 9.45 3.14 -16.53
C PHE A 810 8.49 2.37 -17.44
N TYR A 811 9.03 1.35 -18.12
CA TYR A 811 8.27 0.45 -19.00
C TYR A 811 7.49 1.17 -20.08
N ARG A 812 8.10 2.19 -20.68
CA ARG A 812 7.40 2.99 -21.69
C ARG A 812 7.26 2.26 -23.06
N LYS A 813 8.10 1.27 -23.32
CA LYS A 813 8.09 0.57 -24.60
C LYS A 813 8.14 -0.94 -24.41
N THR A 814 6.97 -1.54 -24.26
CA THR A 814 6.87 -2.97 -24.15
C THR A 814 5.85 -3.41 -25.16
N SER A 815 5.68 -4.71 -25.31
CA SER A 815 4.58 -5.17 -26.16
C SER A 815 3.27 -5.33 -25.37
N ARG A 816 3.24 -4.92 -24.10
CA ARG A 816 2.09 -5.14 -23.22
C ARG A 816 1.10 -3.95 -23.16
N SER A 817 -0.18 -4.25 -22.88
CA SER A 817 -1.21 -3.20 -22.69
C SER A 817 -0.84 -2.31 -21.51
N TYR A 818 -1.23 -1.03 -21.55
CA TYR A 818 -0.79 -0.10 -20.56
C TYR A 818 -1.40 -0.49 -19.19
N SER A 819 -2.67 -0.91 -19.18
CA SER A 819 -3.29 -1.34 -17.92
CA SER A 819 -3.27 -1.30 -17.90
C SER A 819 -2.49 -2.47 -17.26
N GLU A 820 -1.99 -3.37 -18.08
CA GLU A 820 -1.20 -4.50 -17.55
C GLU A 820 0.12 -3.98 -16.95
N ILE A 821 0.71 -3.03 -17.64
CA ILE A 821 1.94 -2.37 -17.15
C ILE A 821 1.63 -1.64 -15.84
N LEU A 822 0.48 -0.98 -15.75
CA LEU A 822 0.13 -0.34 -14.45
C LEU A 822 0.03 -1.34 -13.32
N THR A 823 -0.58 -2.49 -13.59
CA THR A 823 -0.63 -3.53 -12.57
C THR A 823 0.78 -3.97 -12.18
N LEU A 824 1.65 -4.22 -13.15
CA LEU A 824 3.05 -4.56 -12.87
C LEU A 824 3.77 -3.52 -12.01
N LYS A 825 3.53 -2.24 -12.31
CA LYS A 825 4.19 -1.19 -11.53
C LYS A 825 3.65 -1.15 -10.09
N THR A 826 2.44 -1.68 -9.83
CA THR A 826 1.98 -1.67 -8.43
C THR A 826 2.29 -2.96 -7.66
N TYR A 827 2.87 -3.94 -8.34
CA TYR A 827 3.25 -5.21 -7.73
C TYR A 827 4.25 -5.03 -6.62
N LEU A 828 4.04 -5.74 -5.51
CA LEU A 828 5.07 -5.74 -4.47
C LEU A 828 5.50 -7.18 -4.25
N HIS A 829 6.80 -7.45 -4.31
CA HIS A 829 7.27 -8.80 -4.02
C HIS A 829 7.41 -8.88 -2.51
N THR A 830 6.62 -9.74 -1.86
N THR A 830 6.58 -9.69 -1.87
CA THR A 830 6.52 -9.69 -0.37
CA THR A 830 6.86 -10.00 -0.49
C THR A 830 7.41 -10.67 0.43
C THR A 830 7.44 -11.40 -0.53
N TYR A 831 7.86 -11.76 -0.18
N TYR A 831 8.20 -11.74 0.46
CA TYR A 831 8.78 -12.70 0.51
CA TYR A 831 8.80 -13.04 0.44
C TYR A 831 8.17 -13.38 1.76
C TYR A 831 8.04 -13.89 1.42
N GLU A 832 6.84 -13.43 1.80
CA GLU A 832 6.06 -14.15 2.78
C GLU A 832 5.80 -15.52 2.10
N SER A 833 5.65 -16.56 2.91
CA SER A 833 5.33 -17.89 2.34
C SER A 833 3.86 -17.98 1.88
N GLU A 834 3.37 -19.21 1.71
CA GLU A 834 1.99 -19.47 1.25
C GLU A 834 0.91 -18.82 2.12
C1 NAG B . -0.73 10.46 -2.13
C2 NAG B . 0.63 11.11 -2.43
C3 NAG B . 0.62 12.53 -1.88
C4 NAG B . -0.60 13.35 -2.36
C5 NAG B . -1.91 12.57 -2.18
C6 NAG B . -3.08 13.32 -2.83
C7 NAG B . 2.65 9.76 -2.64
C8 NAG B . 3.78 9.07 -1.93
N2 NAG B . 1.73 10.38 -1.86
O3 NAG B . 1.84 13.16 -2.27
O4 NAG B . -0.67 14.45 -1.47
O5 NAG B . -1.76 11.27 -2.74
O6 NAG B . -2.82 13.54 -4.21
O7 NAG B . 2.60 9.77 -3.89
C1 NAG B . -0.69 15.75 -2.09
C2 NAG B . -1.42 16.68 -1.11
C3 NAG B . -1.35 18.11 -1.64
C4 NAG B . 0.08 18.54 -2.01
C5 NAG B . 0.91 17.50 -2.79
C6 NAG B . 2.42 17.84 -2.66
C7 NAG B . -3.24 15.46 0.09
C8 NAG B . -4.73 15.13 0.13
N2 NAG B . -2.81 16.25 -0.90
O3 NAG B . -1.93 18.95 -0.66
O4 NAG B . 0.06 19.76 -2.73
O5 NAG B . 0.65 16.17 -2.33
O6 NAG B . 2.98 17.48 -1.38
O7 NAG B . -2.49 14.98 0.95
C1 BMA B . 0.16 20.87 -1.79
C2 BMA B . 1.18 21.90 -2.29
C3 BMA B . 1.13 23.27 -1.57
C4 BMA B . -0.32 23.71 -1.32
C5 BMA B . -1.16 22.59 -0.71
C6 BMA B . -2.62 22.96 -0.40
O2 BMA B . 0.96 22.05 -3.68
O3 BMA B . 1.88 24.28 -2.27
O4 BMA B . -0.36 24.80 -0.44
O5 BMA B . -1.13 21.45 -1.57
O6 BMA B . -2.96 22.03 0.62
C1 MAN B . -4.34 22.05 1.07
C2 MAN B . -4.45 21.09 2.30
C3 MAN B . -4.59 19.60 1.86
C4 MAN B . -5.70 19.49 0.80
C5 MAN B . -5.39 20.39 -0.40
C6 MAN B . -6.40 20.25 -1.55
O2 MAN B . -5.48 21.49 3.19
O3 MAN B . -4.84 18.64 2.90
O4 MAN B . -5.89 18.14 0.42
O5 MAN B . -5.30 21.75 0.05
O6 MAN B . -7.74 20.37 -1.11
C1 MAN B . -3.70 18.34 3.76
C2 MAN B . -3.71 16.87 4.25
C3 MAN B . -4.96 16.63 5.12
C4 MAN B . -5.06 17.66 6.26
C5 MAN B . -4.63 19.09 5.90
C6 MAN B . -4.15 19.81 7.14
O2 MAN B . -2.53 16.62 5.01
O3 MAN B . -4.97 15.34 5.72
O4 MAN B . -6.38 17.60 6.79
O5 MAN B . -3.59 19.18 4.91
O6 MAN B . -4.04 21.18 6.84
C1 MAN B . -1.41 16.01 4.29
C2 MAN B . -0.39 15.47 5.30
C3 MAN B . 0.48 16.61 5.85
C4 MAN B . 1.03 17.55 4.77
C5 MAN B . -0.06 18.02 3.78
C6 MAN B . 0.54 18.82 2.61
O2 MAN B . 0.43 14.45 4.73
O3 MAN B . 1.56 16.06 6.57
O4 MAN B . 1.63 18.67 5.37
O5 MAN B . -0.81 16.88 3.30
O6 MAN B . -0.47 19.46 1.83
C1 MAN B . 3.20 24.60 -1.72
C2 MAN B . 3.54 26.13 -1.76
C3 MAN B . 4.10 26.64 -3.10
C4 MAN B . 5.05 25.65 -3.77
C5 MAN B . 4.38 24.28 -3.71
C6 MAN B . 5.00 23.24 -4.65
O2 MAN B . 4.50 26.43 -0.77
O3 MAN B . 4.83 27.85 -2.93
O4 MAN B . 5.30 26.04 -5.10
O5 MAN B . 4.27 23.88 -2.35
O6 MAN B . 4.31 23.34 -5.89
C1 MAN B . 4.06 27.42 0.20
C2 MAN B . 5.12 28.55 0.32
C3 MAN B . 6.43 27.98 0.92
C4 MAN B . 6.12 27.25 2.25
C5 MAN B . 5.00 26.21 2.04
C6 MAN B . 4.62 25.45 3.31
O2 MAN B . 4.57 29.62 1.07
O3 MAN B . 7.52 28.90 1.04
O4 MAN B . 7.30 26.65 2.75
O5 MAN B . 3.83 26.83 1.48
O6 MAN B . 3.91 26.28 4.21
C10 XJQ C . -16.35 2.84 10.11
C11 XJQ C . -16.94 1.88 11.12
C13 XJQ C . -17.98 3.33 12.82
C16 XJQ C . -19.66 5.48 14.99
C18 XJQ C . -17.64 6.26 13.79
C19 XJQ C . -16.74 13.45 9.24
C20 XJQ C . -16.36 10.85 11.88
C21 XJQ C . -15.93 12.18 11.21
C23 XJQ C . -18.21 12.94 11.06
C24 XJQ C . -18.78 11.60 11.53
C26 XJQ C . -18.34 9.97 13.23
C27 XJQ C . -17.69 8.70 13.20
C28 XJQ C . -18.27 7.61 13.84
O1 XJQ C . -16.53 5.99 13.28
O2 XJQ C . -18.83 3.76 11.98
CL3 XJQ C . -14.55 5.31 6.81
CL4 XJQ C . -13.12 5.12 9.52
C5 XJQ C . -15.17 3.55 10.39
C6 XJQ C . -14.63 4.29 9.33
C7 XJQ C . -15.26 4.34 8.08
C8 XJQ C . -16.44 3.64 7.81
C9 XJQ C . -16.99 2.89 8.83
N12 XJQ C . -17.01 2.42 12.49
C14 XJQ C . -17.97 3.80 14.28
N15 XJQ C . -20.20 6.67 15.07
N17 XJQ C . -18.40 5.21 14.36
N22 XJQ C . -17.05 12.52 10.30
N25 XJQ C . -17.76 11.03 12.48
C29 XJQ C . -19.51 7.77 14.51
C30 XJQ C . -20.13 9.05 14.57
C31 XJQ C . -19.55 10.13 13.93
C32 XJQ C . -16.70 12.70 7.91
C33 XJQ C . -17.34 13.47 6.70
C34 XJQ C . -16.09 14.14 6.02
O35 XJQ C . -14.91 13.79 6.79
C36 XJQ C . -15.20 12.57 7.49
O1 MES D . -4.86 1.18 23.51
C2 MES D . -5.63 2.17 22.81
C3 MES D . -5.30 2.07 21.31
N4 MES D . -3.82 2.20 21.06
C5 MES D . -2.99 1.34 21.94
C6 MES D . -3.44 1.38 23.41
C7 MES D . -3.50 1.88 19.64
C8 MES D . -3.49 3.17 18.83
S MES D . -2.85 2.97 17.28
O1S MES D . -3.89 2.38 16.42
O2S MES D . -2.48 4.32 16.80
O3S MES D . -1.65 2.08 17.37
C ACT E . 7.16 -9.03 11.15
O ACT E . 7.59 -9.35 9.98
OXT ACT E . 6.92 -9.93 11.97
CH3 ACT E . 6.94 -7.57 11.51
CA CA F . -10.61 -3.23 12.14
CL CL G . -29.80 8.94 22.08
ZN ZN H . -9.39 -5.02 16.14
NA NA I . 24.32 -4.06 13.10
CA CA J . 10.90 14.54 -1.00
NA NA K . 36.29 9.20 1.89
#